data_6N0U
#
_entry.id   6N0U
#
_cell.length_a   152.320
_cell.length_b   80.180
_cell.length_c   131.040
_cell.angle_alpha   90.000
_cell.angle_beta   123.380
_cell.angle_gamma   90.000
#
_symmetry.space_group_name_H-M   'C 1 2 1'
#
loop_
_entity.id
_entity.type
_entity.pdbx_description
1 polymer 'Glucose-1-phosphate thymidylyltransferase'
2 non-polymer "2'-DEOXY-THYMIDINE-BETA-L-RHAMNOSE"
3 non-polymer 1,2-ETHANEDIOL
4 water water
#
_entity_poly.entity_id   1
_entity_poly.type   'polypeptide(L)'
_entity_poly.pdbx_seq_one_letter_code
;MAHHHHHHMARKGIILAGGSGTRLYPITHVVSKQLLPVYDKPMIYYPLSTLMVAGIRDVLIISTPQDTPRFEAMLGDGSQ
WGMNIQYAVQPSPDGLAQAFIIGREFVGNDPSALILGDNIFYGHDLAKQLERANARTDGATVFAYHVHDPERYGVVEFDK
DFRALSIEEKPAKPRSNYAVTGLYFYDNQVCDIAADIKPSARGELEITDVNSRYLSQKTLDVEIMGRGYAWLDTGTHDSL
IEAATFIATLQKRQGLVVACPEEIAYRRKWINAEQLLALARPLSKNAYGQYLQNLLTDQVAWPSV
;
_entity_poly.pdbx_strand_id   A,B,C,D
#
# COMPACT_ATOMS: atom_id res chain seq x y z
N HIS A 8 -12.11 -20.59 19.44
CA HIS A 8 -13.24 -20.78 20.35
C HIS A 8 -13.67 -19.49 21.05
N MET A 9 -14.06 -18.46 20.27
CA MET A 9 -14.33 -17.11 20.77
C MET A 9 -15.81 -16.97 21.16
N ALA A 10 -16.12 -17.22 22.45
CA ALA A 10 -17.49 -17.06 22.95
C ALA A 10 -17.57 -15.77 23.77
N ARG A 11 -17.81 -14.68 23.08
CA ARG A 11 -17.83 -13.37 23.72
C ARG A 11 -19.13 -13.17 24.52
N LYS A 12 -19.01 -12.57 25.69
CA LYS A 12 -20.15 -12.33 26.56
C LYS A 12 -20.71 -10.93 26.31
N GLY A 13 -21.98 -10.86 25.91
CA GLY A 13 -22.62 -9.59 25.57
C GLY A 13 -23.48 -9.05 26.69
N ILE A 14 -23.42 -7.74 26.88
CA ILE A 14 -24.23 -7.04 27.87
C ILE A 14 -25.06 -5.97 27.17
N ILE A 15 -26.36 -5.97 27.40
CA ILE A 15 -27.23 -4.88 26.97
C ILE A 15 -27.60 -4.06 28.20
N LEU A 16 -27.21 -2.80 28.25
CA LEU A 16 -27.56 -1.97 29.40
C LEU A 16 -28.89 -1.29 29.13
N ALA A 17 -29.94 -1.74 29.81
CA ALA A 17 -31.26 -1.22 29.44
C ALA A 17 -32.02 -0.68 30.64
N GLY A 18 -31.31 0.04 31.51
CA GLY A 18 -31.83 0.70 32.69
C GLY A 18 -31.98 2.19 32.41
N GLY A 19 -31.62 3.01 33.39
CA GLY A 19 -31.79 4.42 33.16
C GLY A 19 -32.92 5.01 33.95
N SER A 20 -32.63 6.06 34.73
CA SER A 20 -33.61 6.77 35.53
C SER A 20 -34.91 6.97 34.74
N GLY A 21 -34.79 7.32 33.47
CA GLY A 21 -35.95 7.37 32.59
C GLY A 21 -36.92 8.53 32.75
N THR A 22 -36.46 9.79 32.78
CA THR A 22 -37.38 10.92 32.97
C THR A 22 -37.42 11.91 31.81
N ARG A 23 -36.44 11.92 30.92
CA ARG A 23 -36.47 12.87 29.80
C ARG A 23 -37.72 12.70 28.97
N LEU A 24 -38.19 11.46 28.80
CA LEU A 24 -39.33 11.19 27.93
C LEU A 24 -40.67 11.19 28.66
N TYR A 25 -40.72 11.61 29.91
CA TYR A 25 -41.99 11.65 30.63
C TYR A 25 -43.03 12.38 29.80
N PRO A 26 -44.30 11.93 29.79
CA PRO A 26 -44.79 10.79 30.57
C PRO A 26 -44.84 9.46 29.82
N ILE A 27 -44.29 9.32 28.60
CA ILE A 27 -44.41 8.02 27.95
C ILE A 27 -43.59 6.95 28.66
N THR A 28 -42.58 7.31 29.43
CA THR A 28 -41.79 6.29 30.10
C THR A 28 -42.19 6.15 31.57
N HIS A 29 -43.37 6.65 31.95
CA HIS A 29 -43.69 6.75 33.38
C HIS A 29 -43.84 5.36 34.02
N VAL A 30 -44.45 4.40 33.32
CA VAL A 30 -44.63 3.05 33.81
C VAL A 30 -44.12 2.00 32.84
N VAL A 31 -43.53 2.39 31.71
CA VAL A 31 -42.95 1.47 30.74
C VAL A 31 -41.53 1.95 30.44
N SER A 32 -40.56 1.07 30.55
CA SER A 32 -39.18 1.44 30.27
C SER A 32 -38.98 1.76 28.78
N LYS A 33 -38.09 2.71 28.50
CA LYS A 33 -37.85 3.23 27.17
C LYS A 33 -37.51 2.14 26.17
N GLN A 34 -36.66 1.18 26.59
CA GLN A 34 -36.18 0.10 25.73
C GLN A 34 -37.23 -0.97 25.45
N LEU A 35 -38.40 -0.91 26.05
CA LEU A 35 -39.53 -1.74 25.66
C LEU A 35 -40.50 -1.03 24.72
N LEU A 36 -40.27 0.25 24.42
CA LEU A 36 -41.22 0.99 23.62
C LEU A 36 -41.00 0.68 22.13
N PRO A 37 -42.03 0.88 21.30
CA PRO A 37 -41.89 0.46 19.93
C PRO A 37 -41.01 1.42 19.12
N VAL A 38 -40.17 0.86 18.27
CA VAL A 38 -39.57 1.60 17.16
C VAL A 38 -40.13 0.99 15.91
N TYR A 39 -41.22 1.58 15.40
CA TYR A 39 -42.07 1.18 14.27
C TYR A 39 -42.87 -0.09 14.55
N ASP A 40 -42.27 -1.25 14.29
CA ASP A 40 -43.00 -2.51 14.29
C ASP A 40 -42.49 -3.49 15.32
N LYS A 41 -41.53 -3.10 16.17
CA LYS A 41 -40.97 -4.03 17.14
C LYS A 41 -40.41 -3.23 18.31
N PRO A 42 -40.28 -3.85 19.49
CA PRO A 42 -39.74 -3.12 20.62
C PRO A 42 -38.33 -2.65 20.35
N MET A 43 -37.99 -1.53 20.97
CA MET A 43 -36.69 -0.92 20.80
C MET A 43 -35.56 -1.90 21.01
N ILE A 44 -35.66 -2.72 22.05
CA ILE A 44 -34.50 -3.50 22.43
C ILE A 44 -34.17 -4.56 21.39
N TYR A 45 -35.12 -4.87 20.48
CA TYR A 45 -34.81 -5.84 19.44
C TYR A 45 -33.59 -5.42 18.63
N TYR A 46 -33.39 -4.09 18.46
CA TYR A 46 -32.34 -3.61 17.58
C TYR A 46 -30.95 -3.88 18.14
N PRO A 47 -30.58 -3.39 19.32
CA PRO A 47 -29.28 -3.78 19.91
C PRO A 47 -29.16 -5.26 20.24
N LEU A 48 -30.25 -5.94 20.59
CA LEU A 48 -30.11 -7.38 20.70
C LEU A 48 -29.66 -7.96 19.38
N SER A 49 -30.27 -7.48 18.28
CA SER A 49 -29.92 -7.98 16.95
C SER A 49 -28.49 -7.62 16.62
N THR A 50 -28.05 -6.44 17.01
CA THR A 50 -26.68 -6.07 16.73
C THR A 50 -25.71 -7.06 17.37
N LEU A 51 -25.99 -7.44 18.62
CA LEU A 51 -25.12 -8.42 19.26
C LEU A 51 -25.15 -9.73 18.51
N MET A 52 -26.35 -10.18 18.10
CA MET A 52 -26.46 -11.46 17.40
C MET A 52 -25.74 -11.43 16.05
N VAL A 53 -25.87 -10.32 15.32
CA VAL A 53 -25.15 -10.20 14.07
C VAL A 53 -23.64 -10.18 14.32
N ALA A 54 -23.18 -9.70 15.49
CA ALA A 54 -21.75 -9.81 15.76
C ALA A 54 -21.30 -11.23 16.11
N GLY A 55 -22.24 -12.14 16.35
CA GLY A 55 -21.90 -13.50 16.71
C GLY A 55 -22.03 -13.78 18.19
N ILE A 56 -22.48 -12.82 18.98
CA ILE A 56 -22.60 -13.00 20.41
C ILE A 56 -23.89 -13.78 20.67
N ARG A 57 -23.78 -14.88 21.38
CA ARG A 57 -24.86 -15.82 21.65
C ARG A 57 -25.23 -15.87 23.12
N ASP A 58 -24.46 -15.21 23.97
CA ASP A 58 -24.69 -15.14 25.40
C ASP A 58 -24.88 -13.68 25.75
N VAL A 59 -26.08 -13.32 26.19
CA VAL A 59 -26.44 -11.93 26.38
C VAL A 59 -26.96 -11.75 27.78
N LEU A 60 -26.42 -10.75 28.50
CA LEU A 60 -26.96 -10.31 29.78
C LEU A 60 -27.70 -8.99 29.61
N ILE A 61 -28.96 -8.97 30.02
CA ILE A 61 -29.81 -7.77 29.98
C ILE A 61 -29.79 -7.15 31.37
N ILE A 62 -29.30 -5.92 31.50
CA ILE A 62 -29.36 -5.17 32.75
C ILE A 62 -30.41 -4.07 32.63
N SER A 63 -31.31 -4.00 33.59
CA SER A 63 -32.29 -2.91 33.64
CA SER A 63 -32.29 -2.91 33.64
C SER A 63 -32.50 -2.51 35.09
N THR A 64 -33.57 -1.76 35.34
CA THR A 64 -33.92 -1.31 36.68
C THR A 64 -34.56 -2.46 37.47
N PRO A 65 -34.57 -2.37 38.81
CA PRO A 65 -35.27 -3.42 39.57
C PRO A 65 -36.71 -3.61 39.12
N GLN A 66 -37.42 -2.49 38.89
CA GLN A 66 -38.83 -2.55 38.54
C GLN A 66 -39.07 -3.13 37.13
N ASP A 67 -38.19 -2.91 36.17
CA ASP A 67 -38.49 -3.29 34.79
C ASP A 67 -37.81 -4.57 34.32
N THR A 68 -36.85 -5.11 35.08
CA THR A 68 -36.20 -6.34 34.65
C THR A 68 -37.18 -7.50 34.48
N PRO A 69 -38.19 -7.71 35.33
CA PRO A 69 -39.19 -8.73 34.99
C PRO A 69 -39.86 -8.46 33.66
N ARG A 70 -39.97 -7.21 33.24
CA ARG A 70 -40.66 -6.92 31.99
CA ARG A 70 -40.66 -6.96 32.00
C ARG A 70 -39.82 -7.35 30.79
N PHE A 71 -38.52 -7.07 30.83
CA PHE A 71 -37.64 -7.55 29.77
C PHE A 71 -37.63 -9.07 29.73
N GLU A 72 -37.62 -9.71 30.89
CA GLU A 72 -37.61 -11.18 30.93
C GLU A 72 -38.91 -11.77 30.40
N ALA A 73 -40.06 -11.17 30.73
CA ALA A 73 -41.32 -11.61 30.13
C ALA A 73 -41.31 -11.48 28.62
N MET A 74 -40.52 -10.56 28.07
CA MET A 74 -40.45 -10.29 26.63
CA MET A 74 -40.51 -10.36 26.62
C MET A 74 -39.50 -11.22 25.86
N LEU A 75 -38.29 -11.44 26.40
CA LEU A 75 -37.25 -12.20 25.73
C LEU A 75 -37.04 -13.60 26.29
N GLY A 76 -37.45 -13.84 27.51
CA GLY A 76 -37.28 -15.18 28.11
C GLY A 76 -35.81 -15.50 28.26
N ASP A 77 -35.48 -16.78 28.25
CA ASP A 77 -34.07 -17.15 28.39
C ASP A 77 -33.36 -17.24 27.05
N GLY A 78 -34.04 -16.88 25.98
CA GLY A 78 -33.43 -16.85 24.67
C GLY A 78 -33.36 -18.18 23.96
N SER A 79 -33.74 -19.28 24.62
CA SER A 79 -33.65 -20.60 23.99
C SER A 79 -34.58 -20.72 22.80
N GLN A 80 -35.66 -19.93 22.77
CA GLN A 80 -36.51 -19.94 21.58
C GLN A 80 -35.76 -19.43 20.35
N TRP A 81 -34.66 -18.72 20.54
CA TRP A 81 -33.83 -18.30 19.43
C TRP A 81 -32.48 -19.00 19.44
N GLY A 82 -32.39 -20.14 20.13
CA GLY A 82 -31.13 -20.88 20.23
C GLY A 82 -30.01 -20.10 20.87
N MET A 83 -30.32 -19.16 21.77
CA MET A 83 -29.38 -18.31 22.48
C MET A 83 -29.48 -18.52 23.99
N ASN A 84 -28.63 -17.80 24.69
CA ASN A 84 -28.65 -17.71 26.14
C ASN A 84 -28.80 -16.25 26.56
N ILE A 85 -29.95 -15.90 27.11
CA ILE A 85 -30.22 -14.55 27.58
C ILE A 85 -30.48 -14.63 29.08
N GLN A 86 -29.74 -13.83 29.85
CA GLN A 86 -29.88 -13.73 31.30
C GLN A 86 -30.17 -12.30 31.71
N TYR A 87 -30.51 -12.09 32.99
CA TYR A 87 -30.97 -10.79 33.48
C TYR A 87 -30.24 -10.43 34.77
N ALA A 88 -30.02 -9.13 34.99
CA ALA A 88 -29.47 -8.63 36.23
C ALA A 88 -29.98 -7.20 36.40
N VAL A 89 -30.00 -6.70 37.63
CA VAL A 89 -30.61 -5.40 37.89
C VAL A 89 -29.54 -4.38 38.22
N GLN A 90 -29.82 -3.12 37.87
CA GLN A 90 -29.01 -1.97 38.26
C GLN A 90 -29.85 -1.19 39.26
N PRO A 91 -29.54 -1.22 40.56
CA PRO A 91 -30.41 -0.50 41.51
C PRO A 91 -30.51 0.99 41.17
N SER A 92 -29.38 1.60 40.84
CA SER A 92 -29.25 3.02 40.55
C SER A 92 -28.46 3.21 39.27
N PRO A 93 -28.82 4.17 38.44
CA PRO A 93 -28.07 4.34 37.15
C PRO A 93 -26.75 5.08 37.32
N ASP A 94 -25.74 4.37 37.80
CA ASP A 94 -24.51 5.02 38.25
C ASP A 94 -23.40 5.00 37.19
N GLY A 95 -23.73 4.68 35.94
CA GLY A 95 -22.76 4.79 34.87
C GLY A 95 -22.64 3.54 34.04
N LEU A 96 -22.34 3.72 32.75
CA LEU A 96 -22.16 2.61 31.82
C LEU A 96 -21.16 1.57 32.33
N ALA A 97 -20.08 2.01 33.00
CA ALA A 97 -19.02 1.07 33.41
C ALA A 97 -19.47 0.16 34.56
N GLN A 98 -20.50 0.55 35.30
CA GLN A 98 -21.07 -0.34 36.30
C GLN A 98 -21.65 -1.62 35.69
N ALA A 99 -21.90 -1.62 34.38
CA ALA A 99 -22.35 -2.84 33.74
C ALA A 99 -21.33 -3.96 33.94
N PHE A 100 -20.05 -3.60 33.97
CA PHE A 100 -19.01 -4.59 34.13
C PHE A 100 -18.75 -4.96 35.58
N ILE A 101 -19.36 -4.27 36.54
CA ILE A 101 -19.42 -4.74 37.92
C ILE A 101 -20.62 -5.66 38.12
N ILE A 102 -21.81 -5.19 37.74
CA ILE A 102 -23.01 -6.03 37.79
C ILE A 102 -22.82 -7.27 36.93
N GLY A 103 -22.25 -7.12 35.72
CA GLY A 103 -22.08 -8.29 34.89
C GLY A 103 -20.77 -9.04 35.06
N ARG A 104 -20.04 -8.84 36.17
CA ARG A 104 -18.69 -9.41 36.31
C ARG A 104 -18.70 -10.93 36.30
N GLU A 105 -19.56 -11.53 37.13
CA GLU A 105 -19.68 -12.99 37.15
C GLU A 105 -20.14 -13.51 35.79
N PHE A 106 -21.08 -12.84 35.15
CA PHE A 106 -21.54 -13.31 33.84
C PHE A 106 -20.38 -13.32 32.86
N VAL A 107 -19.57 -12.25 32.87
CA VAL A 107 -18.43 -12.17 31.95
C VAL A 107 -17.37 -13.19 32.32
N GLY A 108 -17.09 -13.38 33.63
CA GLY A 108 -16.07 -14.34 34.01
C GLY A 108 -14.68 -14.05 33.47
N ASN A 109 -14.08 -15.03 32.79
CA ASN A 109 -12.77 -14.85 32.18
C ASN A 109 -12.84 -14.58 30.68
N ASP A 110 -14.02 -14.34 30.10
CA ASP A 110 -14.15 -14.18 28.66
C ASP A 110 -14.04 -12.74 28.15
N PRO A 111 -13.81 -12.57 26.84
CA PRO A 111 -14.04 -11.25 26.24
C PRO A 111 -15.51 -10.89 26.33
N SER A 112 -15.81 -9.61 26.09
CA SER A 112 -17.17 -9.11 26.28
C SER A 112 -17.46 -7.98 25.33
N ALA A 113 -18.75 -7.59 25.29
CA ALA A 113 -19.19 -6.42 24.56
C ALA A 113 -20.34 -5.77 25.33
N LEU A 114 -20.35 -4.46 25.37
CA LEU A 114 -21.45 -3.71 25.95
C LEU A 114 -22.15 -2.93 24.84
N ILE A 115 -23.47 -3.00 24.78
CA ILE A 115 -24.26 -2.15 23.89
C ILE A 115 -25.39 -1.54 24.71
N LEU A 116 -25.76 -0.31 24.38
CA LEU A 116 -26.86 0.32 25.10
C LEU A 116 -28.22 -0.13 24.53
N GLY A 117 -29.19 -0.35 25.42
CA GLY A 117 -30.52 -0.85 25.06
C GLY A 117 -31.36 0.08 24.17
N ASP A 118 -30.93 1.33 23.96
CA ASP A 118 -31.66 2.28 23.13
C ASP A 118 -30.87 2.72 21.89
N ASN A 119 -29.79 2.00 21.55
CA ASN A 119 -28.94 2.33 20.40
C ASN A 119 -29.29 1.44 19.20
N ILE A 120 -29.58 2.07 18.08
CA ILE A 120 -29.85 1.39 16.81
C ILE A 120 -28.66 1.60 15.88
N PHE A 121 -28.14 0.50 15.37
CA PHE A 121 -27.03 0.47 14.42
C PHE A 121 -27.53 -0.16 13.12
N TYR A 122 -27.30 0.51 11.98
CA TYR A 122 -27.76 -0.05 10.72
C TYR A 122 -26.84 0.36 9.59
N GLY A 123 -26.50 -0.58 8.71
CA GLY A 123 -25.79 -0.17 7.52
C GLY A 123 -25.09 -1.33 6.86
N HIS A 124 -24.66 -1.08 5.64
CA HIS A 124 -23.98 -2.10 4.85
C HIS A 124 -22.64 -2.48 5.47
N ASP A 125 -22.37 -3.79 5.49
CA ASP A 125 -21.14 -4.36 6.02
C ASP A 125 -20.98 -4.12 7.52
N LEU A 126 -22.06 -3.79 8.23
CA LEU A 126 -21.96 -3.70 9.68
C LEU A 126 -21.49 -5.01 10.25
N ALA A 127 -21.98 -6.14 9.72
CA ALA A 127 -21.61 -7.44 10.23
C ALA A 127 -20.10 -7.68 10.09
N LYS A 128 -19.54 -7.36 8.95
CA LYS A 128 -18.11 -7.58 8.77
C LYS A 128 -17.30 -6.77 9.78
N GLN A 129 -17.71 -5.51 10.03
CA GLN A 129 -17.04 -4.69 11.04
C GLN A 129 -17.22 -5.25 12.44
N LEU A 130 -18.42 -5.72 12.77
CA LEU A 130 -18.61 -6.27 14.12
C LEU A 130 -17.87 -7.58 14.29
N GLU A 131 -17.83 -8.40 13.23
CA GLU A 131 -17.09 -9.64 13.35
C GLU A 131 -15.59 -9.39 13.48
N ARG A 132 -15.08 -8.34 12.86
CA ARG A 132 -13.66 -8.03 13.03
C ARG A 132 -13.39 -7.59 14.47
N ALA A 133 -14.29 -6.79 15.04
CA ALA A 133 -14.13 -6.38 16.43
C ALA A 133 -14.26 -7.58 17.36
N ASN A 134 -15.23 -8.47 17.07
CA ASN A 134 -15.45 -9.67 17.89
C ASN A 134 -14.25 -10.62 17.89
N ALA A 135 -13.52 -10.72 16.77
CA ALA A 135 -12.43 -11.67 16.66
C ALA A 135 -11.15 -11.23 17.35
N ARG A 136 -11.05 -9.97 17.76
CA ARG A 136 -9.85 -9.51 18.46
C ARG A 136 -9.70 -10.22 19.80
N THR A 137 -8.54 -10.77 20.05
CA THR A 137 -8.23 -11.46 21.29
C THR A 137 -7.65 -10.56 22.36
N ASP A 138 -7.34 -9.31 22.05
CA ASP A 138 -6.70 -8.41 23.01
C ASP A 138 -7.19 -6.99 22.80
N GLY A 139 -7.10 -6.16 23.84
CA GLY A 139 -7.47 -4.77 23.67
C GLY A 139 -8.98 -4.51 23.67
N ALA A 140 -9.33 -3.39 23.05
CA ALA A 140 -10.69 -2.90 22.99
C ALA A 140 -10.92 -2.27 21.63
N THR A 141 -12.17 -2.31 21.19
CA THR A 141 -12.62 -1.71 19.94
C THR A 141 -13.88 -0.93 20.26
N VAL A 142 -13.88 0.35 19.91
CA VAL A 142 -15.04 1.24 19.97
C VAL A 142 -15.20 1.88 18.60
N PHE A 143 -16.31 2.58 18.39
CA PHE A 143 -16.62 3.16 17.09
C PHE A 143 -16.91 4.63 17.22
N ALA A 144 -16.52 5.41 16.22
CA ALA A 144 -16.66 6.86 16.21
C ALA A 144 -17.59 7.28 15.08
N TYR A 145 -18.52 8.20 15.36
CA TYR A 145 -19.61 8.52 14.44
C TYR A 145 -19.88 10.01 14.48
N HIS A 146 -19.95 10.63 13.31
CA HIS A 146 -20.11 12.06 13.19
C HIS A 146 -21.56 12.39 13.52
N VAL A 147 -21.78 13.23 14.53
CA VAL A 147 -23.12 13.63 14.95
C VAL A 147 -23.16 15.14 14.99
N HIS A 148 -24.35 15.72 15.01
CA HIS A 148 -24.42 17.16 15.08
C HIS A 148 -24.23 17.66 16.51
N ASP A 149 -24.45 16.82 17.52
CA ASP A 149 -24.35 17.27 18.92
C ASP A 149 -23.32 16.42 19.65
N PRO A 150 -22.06 16.44 19.20
CA PRO A 150 -21.06 15.59 19.87
C PRO A 150 -20.92 15.90 21.35
N GLU A 151 -21.20 17.14 21.78
CA GLU A 151 -20.96 17.56 23.15
C GLU A 151 -21.80 16.80 24.19
N ARG A 152 -22.79 15.99 23.79
CA ARG A 152 -23.46 15.17 24.81
C ARG A 152 -22.86 13.76 24.93
N TYR A 153 -21.70 13.53 24.33
CA TYR A 153 -21.09 12.22 24.26
C TYR A 153 -19.61 12.25 24.65
N GLY A 154 -19.03 11.07 24.77
CA GLY A 154 -17.57 10.98 24.66
C GLY A 154 -17.15 11.37 23.26
N VAL A 155 -16.16 12.27 23.15
CA VAL A 155 -15.74 12.85 21.87
C VAL A 155 -14.30 12.46 21.56
N VAL A 156 -14.06 11.97 20.35
CA VAL A 156 -12.72 11.55 19.95
C VAL A 156 -11.98 12.73 19.32
N GLU A 157 -10.75 12.96 19.75
CA GLU A 157 -9.84 13.85 19.03
C GLU A 157 -8.96 13.02 18.09
N PHE A 158 -8.96 13.37 16.82
CA PHE A 158 -8.27 12.64 15.78
C PHE A 158 -7.12 13.46 15.21
N ASP A 159 -6.01 12.80 14.86
CA ASP A 159 -4.99 13.48 14.09
C ASP A 159 -5.46 13.52 12.63
N LYS A 160 -4.63 14.00 11.71
CA LYS A 160 -5.07 14.22 10.33
C LYS A 160 -5.46 12.92 9.63
N ASP A 161 -4.93 11.77 10.06
CA ASP A 161 -5.23 10.49 9.46
C ASP A 161 -6.25 9.67 10.25
N PHE A 162 -7.01 10.34 11.13
CA PHE A 162 -8.07 9.73 11.92
C PHE A 162 -7.57 8.61 12.83
N ARG A 163 -6.36 8.76 13.34
CA ARG A 163 -5.92 7.99 14.50
C ARG A 163 -6.38 8.73 15.76
N ALA A 164 -6.98 7.97 16.68
CA ALA A 164 -7.55 8.55 17.89
C ALA A 164 -6.46 8.96 18.86
N LEU A 165 -6.51 10.23 19.28
CA LEU A 165 -5.53 10.79 20.18
C LEU A 165 -6.01 10.90 21.62
N SER A 166 -7.32 11.05 21.83
CA SER A 166 -7.87 11.26 23.16
C SER A 166 -9.38 11.14 23.08
N ILE A 167 -10.00 10.87 24.23
CA ILE A 167 -11.44 10.82 24.36
C ILE A 167 -11.85 11.62 25.56
N GLU A 168 -12.74 12.61 25.36
CA GLU A 168 -13.22 13.47 26.44
C GLU A 168 -14.72 13.29 26.56
N GLU A 169 -15.20 13.06 27.77
CA GLU A 169 -16.63 12.86 28.05
C GLU A 169 -17.32 14.23 28.15
N LYS A 170 -18.27 14.48 27.26
CA LYS A 170 -19.05 15.72 27.24
C LYS A 170 -18.20 16.98 27.30
N PRO A 171 -17.29 17.18 26.35
CA PRO A 171 -16.44 18.38 26.42
C PRO A 171 -17.29 19.61 26.16
N ALA A 172 -16.89 20.70 26.81
CA ALA A 172 -17.48 22.00 26.55
C ALA A 172 -17.20 22.46 25.12
N LYS A 173 -15.98 22.28 24.64
CA LYS A 173 -15.62 22.58 23.26
C LYS A 173 -15.14 21.29 22.61
N PRO A 174 -16.03 20.56 21.94
CA PRO A 174 -15.64 19.27 21.36
C PRO A 174 -14.55 19.40 20.31
N ARG A 175 -13.53 18.54 20.42
CA ARG A 175 -12.41 18.57 19.50
C ARG A 175 -12.80 18.12 18.09
N SER A 176 -13.90 17.40 17.96
CA SER A 176 -14.43 16.99 16.66
C SER A 176 -15.92 16.74 16.85
N ASN A 177 -16.57 16.29 15.79
CA ASN A 177 -17.97 15.89 15.81
C ASN A 177 -18.14 14.39 15.98
N TYR A 178 -17.05 13.66 16.18
CA TYR A 178 -17.11 12.21 16.24
C TYR A 178 -17.37 11.82 17.70
N ALA A 179 -18.56 11.28 17.94
CA ALA A 179 -18.97 10.70 19.21
C ALA A 179 -18.61 9.23 19.22
N VAL A 180 -18.30 8.70 20.41
CA VAL A 180 -18.10 7.26 20.63
C VAL A 180 -19.48 6.63 20.68
N THR A 181 -19.77 5.67 19.77
CA THR A 181 -21.11 5.09 19.77
C THR A 181 -21.31 4.25 21.03
N GLY A 182 -22.57 3.85 21.25
CA GLY A 182 -22.87 3.03 22.42
C GLY A 182 -22.65 1.53 22.24
N LEU A 183 -21.54 1.15 21.62
CA LEU A 183 -21.17 -0.25 21.39
C LEU A 183 -19.67 -0.37 21.56
N TYR A 184 -19.23 -1.23 22.47
CA TYR A 184 -17.86 -1.36 22.94
C TYR A 184 -17.51 -2.83 23.06
N PHE A 185 -16.37 -3.24 22.50
CA PHE A 185 -15.83 -4.59 22.61
C PHE A 185 -14.60 -4.56 23.49
N TYR A 186 -14.49 -5.50 24.43
CA TYR A 186 -13.38 -5.51 25.36
C TYR A 186 -12.81 -6.91 25.50
N ASP A 187 -11.52 -6.96 25.86
CA ASP A 187 -10.90 -8.21 26.27
C ASP A 187 -11.21 -8.44 27.75
N ASN A 188 -10.49 -9.36 28.40
CA ASN A 188 -10.82 -9.72 29.78
C ASN A 188 -10.26 -8.74 30.82
N GLN A 189 -9.77 -7.57 30.44
CA GLN A 189 -9.33 -6.60 31.44
C GLN A 189 -10.46 -5.72 31.95
N VAL A 190 -11.59 -5.63 31.21
CA VAL A 190 -12.51 -4.53 31.46
C VAL A 190 -13.15 -4.64 32.85
N CYS A 191 -13.52 -5.85 33.27
CA CYS A 191 -14.18 -5.95 34.58
C CYS A 191 -13.30 -5.40 35.69
N ASP A 192 -12.01 -5.74 35.69
CA ASP A 192 -11.10 -5.21 36.70
C ASP A 192 -10.86 -3.71 36.52
N ILE A 193 -10.76 -3.24 35.27
CA ILE A 193 -10.63 -1.80 35.02
C ILE A 193 -11.83 -1.05 35.60
N ALA A 194 -13.04 -1.53 35.30
CA ALA A 194 -14.25 -0.88 35.80
C ALA A 194 -14.29 -0.86 37.33
N ALA A 195 -13.80 -1.92 37.98
CA ALA A 195 -13.81 -1.97 39.45
C ALA A 195 -12.78 -1.05 40.07
N ASP A 196 -11.80 -0.61 39.31
CA ASP A 196 -10.72 0.25 39.77
C ASP A 196 -11.00 1.74 39.62
N ILE A 197 -11.88 2.12 38.70
CA ILE A 197 -12.12 3.54 38.46
C ILE A 197 -13.06 4.11 39.51
N LYS A 198 -13.00 5.43 39.69
CA LYS A 198 -13.78 6.16 40.67
C LYS A 198 -14.88 6.99 39.99
N PRO A 199 -16.00 7.20 40.66
CA PRO A 199 -17.08 8.01 40.07
C PRO A 199 -16.56 9.38 39.64
N SER A 200 -17.12 9.91 38.57
CA SER A 200 -16.69 11.20 38.09
C SER A 200 -17.39 12.32 38.87
N ALA A 201 -17.03 13.56 38.53
CA ALA A 201 -17.69 14.72 39.13
C ALA A 201 -19.21 14.65 38.96
N ARG A 202 -19.70 14.13 37.82
CA ARG A 202 -21.15 13.97 37.70
C ARG A 202 -21.67 12.71 38.41
N GLY A 203 -20.80 12.01 39.15
CA GLY A 203 -21.21 10.85 39.95
C GLY A 203 -21.37 9.53 39.22
N GLU A 204 -20.70 9.33 38.08
CA GLU A 204 -20.90 8.11 37.31
C GLU A 204 -19.59 7.39 37.07
N LEU A 205 -19.68 6.07 36.95
CA LEU A 205 -18.57 5.24 36.50
C LEU A 205 -18.51 5.34 34.97
N GLU A 206 -17.48 6.01 34.47
CA GLU A 206 -17.48 6.51 33.10
C GLU A 206 -16.87 5.49 32.14
N ILE A 207 -17.65 5.10 31.10
CA ILE A 207 -17.09 4.25 30.05
C ILE A 207 -15.96 4.97 29.34
N THR A 208 -15.99 6.31 29.30
CA THR A 208 -14.87 7.04 28.73
C THR A 208 -13.58 6.76 29.50
N ASP A 209 -13.68 6.60 30.82
CA ASP A 209 -12.50 6.24 31.60
C ASP A 209 -12.01 4.84 31.29
N VAL A 210 -12.93 3.89 31.10
CA VAL A 210 -12.50 2.58 30.63
C VAL A 210 -11.78 2.72 29.29
N ASN A 211 -12.41 3.41 28.34
CA ASN A 211 -11.83 3.48 27.00
C ASN A 211 -10.49 4.21 27.02
N SER A 212 -10.37 5.25 27.85
CA SER A 212 -9.12 5.98 27.95
C SER A 212 -8.02 5.10 28.52
N ARG A 213 -8.37 4.14 29.39
CA ARG A 213 -7.35 3.21 29.88
C ARG A 213 -6.79 2.36 28.75
N TYR A 214 -7.66 1.80 27.91
CA TYR A 214 -7.16 1.05 26.76
C TYR A 214 -6.35 1.96 25.84
N LEU A 215 -6.80 3.20 25.65
CA LEU A 215 -6.10 4.15 24.79
C LEU A 215 -4.66 4.40 25.27
N SER A 216 -4.47 4.61 26.58
CA SER A 216 -3.13 4.84 27.09
C SER A 216 -2.24 3.61 26.97
N GLN A 217 -2.83 2.41 26.90
CA GLN A 217 -2.05 1.22 26.63
C GLN A 217 -1.73 1.04 25.16
N LYS A 218 -2.26 1.89 24.27
CA LYS A 218 -2.08 1.76 22.83
C LYS A 218 -2.73 0.46 22.31
N THR A 219 -3.78 -0.02 22.99
CA THR A 219 -4.50 -1.22 22.56
C THR A 219 -5.96 -0.94 22.25
N LEU A 220 -6.35 0.34 22.19
CA LEU A 220 -7.69 0.73 21.80
C LEU A 220 -7.73 0.95 20.29
N ASP A 221 -8.61 0.23 19.60
CA ASP A 221 -8.93 0.47 18.20
C ASP A 221 -10.17 1.37 18.17
N VAL A 222 -10.06 2.53 17.54
CA VAL A 222 -11.20 3.42 17.34
C VAL A 222 -11.50 3.36 15.86
N GLU A 223 -12.62 2.73 15.52
CA GLU A 223 -13.05 2.54 14.13
C GLU A 223 -14.08 3.59 13.78
N ILE A 224 -13.88 4.27 12.65
CA ILE A 224 -14.89 5.20 12.18
C ILE A 224 -16.07 4.42 11.63
N MET A 225 -17.27 4.76 12.11
CA MET A 225 -18.53 4.36 11.49
C MET A 225 -18.95 5.50 10.56
N GLY A 226 -18.86 5.22 9.24
CA GLY A 226 -19.05 6.24 8.24
C GLY A 226 -20.48 6.72 8.16
N ARG A 227 -20.69 7.77 7.40
CA ARG A 227 -22.02 8.37 7.30
C ARG A 227 -23.00 7.50 6.53
N GLY A 228 -22.52 6.46 5.84
CA GLY A 228 -23.41 5.49 5.23
C GLY A 228 -24.16 4.62 6.22
N TYR A 229 -23.80 4.69 7.51
CA TYR A 229 -24.44 3.97 8.61
C TYR A 229 -25.43 4.89 9.30
N ALA A 230 -26.49 4.31 9.88
CA ALA A 230 -27.36 4.98 10.81
C ALA A 230 -26.95 4.48 12.20
N TRP A 231 -26.53 5.40 13.08
CA TRP A 231 -26.39 5.14 14.51
C TRP A 231 -27.37 6.09 15.18
N LEU A 232 -28.49 5.55 15.65
CA LEU A 232 -29.60 6.35 16.19
C LEU A 232 -29.77 6.01 17.66
N ASP A 233 -29.76 7.01 18.49
CA ASP A 233 -30.37 6.79 19.77
C ASP A 233 -31.65 7.59 19.75
N THR A 234 -32.32 7.61 20.81
CA THR A 234 -33.65 8.11 20.70
C THR A 234 -33.85 8.97 21.93
N GLY A 235 -33.15 10.11 21.99
CA GLY A 235 -33.19 10.91 23.20
C GLY A 235 -34.37 11.85 23.33
N THR A 236 -35.12 12.08 22.26
CA THR A 236 -36.26 12.97 22.31
C THR A 236 -37.48 12.29 21.69
N HIS A 237 -38.65 12.82 22.01
CA HIS A 237 -39.85 12.35 21.36
C HIS A 237 -39.70 12.43 19.86
N ASP A 238 -39.11 13.52 19.36
CA ASP A 238 -38.92 13.70 17.92
C ASP A 238 -37.99 12.65 17.34
N SER A 239 -36.85 12.39 18.01
CA SER A 239 -35.94 11.43 17.41
C SER A 239 -36.45 10.00 17.52
N LEU A 240 -37.33 9.70 18.46
CA LEU A 240 -37.96 8.38 18.48
C LEU A 240 -38.83 8.17 17.24
N ILE A 241 -39.65 9.18 16.89
CA ILE A 241 -40.43 9.13 15.65
C ILE A 241 -39.51 8.99 14.45
N GLU A 242 -38.43 9.77 14.42
CA GLU A 242 -37.56 9.76 13.26
C GLU A 242 -36.90 8.40 13.06
N ALA A 243 -36.52 7.72 14.15
CA ALA A 243 -36.01 6.35 14.02
C ALA A 243 -37.10 5.38 13.51
N ALA A 244 -38.34 5.57 13.98
CA ALA A 244 -39.41 4.68 13.54
C ALA A 244 -39.71 4.87 12.05
N THR A 245 -39.81 6.12 11.58
CA THR A 245 -40.11 6.34 10.15
C THR A 245 -38.94 5.93 9.27
N PHE A 246 -37.72 6.08 9.78
CA PHE A 246 -36.55 5.62 9.06
C PHE A 246 -36.59 4.12 8.87
N ILE A 247 -36.79 3.37 9.95
CA ILE A 247 -36.96 1.92 9.84
C ILE A 247 -38.12 1.59 8.90
N ALA A 248 -39.26 2.28 9.07
CA ALA A 248 -40.44 1.93 8.29
C ALA A 248 -40.20 2.10 6.79
N THR A 249 -39.53 3.17 6.38
CA THR A 249 -39.23 3.41 4.96
C THR A 249 -38.40 2.28 4.37
N LEU A 250 -37.38 1.82 5.10
CA LEU A 250 -36.55 0.75 4.57
C LEU A 250 -37.31 -0.54 4.46
N GLN A 251 -38.03 -0.93 5.52
CA GLN A 251 -38.74 -2.21 5.49
C GLN A 251 -39.84 -2.20 4.44
N LYS A 252 -40.58 -1.11 4.31
CA LYS A 252 -41.63 -1.12 3.30
C LYS A 252 -41.02 -1.19 1.89
N ARG A 253 -39.90 -0.52 1.68
CA ARG A 253 -39.28 -0.56 0.35
C ARG A 253 -38.79 -1.96 0.00
N GLN A 254 -38.15 -2.64 0.94
CA GLN A 254 -37.43 -3.85 0.63
C GLN A 254 -38.30 -5.09 0.76
N GLY A 255 -39.36 -5.01 1.54
CA GLY A 255 -40.06 -6.21 1.97
C GLY A 255 -39.27 -7.04 2.96
N LEU A 256 -38.31 -6.45 3.66
CA LEU A 256 -37.45 -7.13 4.63
C LEU A 256 -37.59 -6.45 5.98
N VAL A 257 -37.26 -7.14 7.07
CA VAL A 257 -37.39 -6.57 8.41
C VAL A 257 -36.01 -6.35 9.00
N VAL A 258 -35.81 -5.18 9.59
CA VAL A 258 -34.56 -4.86 10.28
C VAL A 258 -34.65 -5.41 11.69
N ALA A 259 -33.56 -6.05 12.15
CA ALA A 259 -33.44 -6.48 13.54
C ALA A 259 -34.55 -7.46 13.91
N CYS A 260 -34.73 -8.45 13.06
CA CYS A 260 -35.63 -9.56 13.35
C CYS A 260 -34.81 -10.70 13.96
N PRO A 261 -34.87 -10.88 15.27
CA PRO A 261 -34.01 -11.90 15.89
C PRO A 261 -34.28 -13.32 15.38
N GLU A 262 -35.54 -13.67 15.12
CA GLU A 262 -35.80 -14.99 14.55
C GLU A 262 -35.02 -15.21 13.27
N GLU A 263 -34.97 -14.20 12.41
CA GLU A 263 -34.27 -14.32 11.14
C GLU A 263 -32.77 -14.50 11.35
N ILE A 264 -32.18 -13.70 12.23
CA ILE A 264 -30.75 -13.82 12.47
C ILE A 264 -30.44 -15.16 13.09
N ALA A 265 -31.26 -15.60 14.04
CA ALA A 265 -31.02 -16.92 14.63
C ALA A 265 -31.09 -18.02 13.57
N TYR A 266 -32.07 -17.97 12.68
CA TYR A 266 -32.18 -18.99 11.64
C TYR A 266 -30.96 -18.93 10.71
N ARG A 267 -30.56 -17.72 10.32
CA ARG A 267 -29.46 -17.59 9.37
C ARG A 267 -28.13 -18.03 9.98
N ARG A 268 -27.96 -17.89 11.29
CA ARG A 268 -26.76 -18.37 11.97
C ARG A 268 -26.83 -19.83 12.37
N LYS A 269 -27.90 -20.54 12.01
CA LYS A 269 -28.12 -21.95 12.35
C LYS A 269 -28.27 -22.15 13.85
N TRP A 270 -28.63 -21.11 14.61
CA TRP A 270 -28.97 -21.28 16.01
C TRP A 270 -30.31 -21.98 16.19
N ILE A 271 -31.20 -21.88 15.21
CA ILE A 271 -32.44 -22.63 15.14
C ILE A 271 -32.56 -23.15 13.71
N ASN A 272 -33.26 -24.24 13.55
CA ASN A 272 -33.46 -24.85 12.25
C ASN A 272 -34.83 -24.47 11.68
N ALA A 273 -35.13 -24.98 10.48
CA ALA A 273 -36.36 -24.63 9.78
C ALA A 273 -37.60 -25.07 10.55
N GLU A 274 -37.55 -26.25 11.18
CA GLU A 274 -38.70 -26.71 11.96
C GLU A 274 -38.97 -25.77 13.12
N GLN A 275 -37.91 -25.31 13.81
CA GLN A 275 -38.09 -24.43 14.95
C GLN A 275 -38.63 -23.06 14.52
N LEU A 276 -38.13 -22.53 13.41
CA LEU A 276 -38.63 -21.24 12.94
C LEU A 276 -40.08 -21.34 12.55
N LEU A 277 -40.44 -22.41 11.84
CA LEU A 277 -41.83 -22.64 11.51
C LEU A 277 -42.66 -22.71 12.77
N ALA A 278 -42.11 -23.33 13.82
CA ALA A 278 -42.82 -23.43 15.09
C ALA A 278 -43.03 -22.07 15.74
N LEU A 279 -42.05 -21.16 15.64
CA LEU A 279 -42.25 -19.81 16.17
C LEU A 279 -43.31 -19.08 15.38
N ALA A 280 -43.35 -19.33 14.07
CA ALA A 280 -44.22 -18.58 13.16
C ALA A 280 -45.67 -19.07 13.20
N ARG A 281 -45.89 -20.37 13.37
CA ARG A 281 -47.24 -20.92 13.24
C ARG A 281 -48.25 -20.21 14.13
N PRO A 282 -48.01 -20.01 15.44
CA PRO A 282 -48.96 -19.21 16.23
C PRO A 282 -48.98 -17.71 15.87
N LEU A 283 -48.04 -17.21 15.07
CA LEU A 283 -48.05 -15.83 14.64
C LEU A 283 -48.58 -15.66 13.22
N SER A 284 -49.19 -16.72 12.69
CA SER A 284 -49.57 -16.73 11.28
C SER A 284 -50.60 -15.66 10.94
N LYS A 285 -51.32 -15.14 11.93
CA LYS A 285 -52.37 -14.16 11.66
C LYS A 285 -51.85 -12.72 11.58
N ASN A 286 -50.58 -12.47 11.88
CA ASN A 286 -50.03 -11.12 11.81
C ASN A 286 -48.90 -11.04 10.77
N ALA A 287 -48.54 -9.80 10.42
CA ALA A 287 -47.58 -9.57 9.33
C ALA A 287 -46.20 -10.08 9.68
N TYR A 288 -45.82 -9.98 10.96
CA TYR A 288 -44.48 -10.39 11.39
C TYR A 288 -44.32 -11.89 11.26
N GLY A 289 -45.35 -12.65 11.66
CA GLY A 289 -45.33 -14.08 11.49
C GLY A 289 -45.32 -14.49 10.02
N GLN A 290 -45.96 -13.70 9.17
CA GLN A 290 -45.88 -14.00 7.74
CA GLN A 290 -45.90 -13.95 7.72
C GLN A 290 -44.47 -13.82 7.20
N TYR A 291 -43.73 -12.83 7.71
CA TYR A 291 -42.34 -12.65 7.28
C TYR A 291 -41.46 -13.82 7.69
N LEU A 292 -41.64 -14.31 8.92
CA LEU A 292 -40.91 -15.49 9.37
C LEU A 292 -41.25 -16.69 8.50
N GLN A 293 -42.55 -16.89 8.23
CA GLN A 293 -42.96 -18.01 7.39
C GLN A 293 -42.32 -17.91 6.02
N ASN A 294 -42.26 -16.70 5.46
CA ASN A 294 -41.69 -16.51 4.15
C ASN A 294 -40.16 -16.60 4.08
N LEU A 295 -39.46 -16.62 5.23
CA LEU A 295 -38.01 -16.84 5.19
C LEU A 295 -37.63 -18.19 4.61
N LEU A 296 -38.51 -19.20 4.74
CA LEU A 296 -38.18 -20.54 4.26
C LEU A 296 -38.33 -20.70 2.75
N THR A 297 -38.93 -19.71 2.07
CA THR A 297 -39.15 -19.77 0.64
C THR A 297 -38.47 -18.65 -0.15
N ASP A 298 -38.30 -17.46 0.43
CA ASP A 298 -37.78 -16.27 -0.25
C ASP A 298 -36.26 -16.30 -0.26
N GLN A 299 -35.67 -16.38 -1.45
CA GLN A 299 -34.22 -16.37 -1.62
C GLN A 299 -33.68 -14.97 -1.36
N VAL A 300 -32.90 -14.81 -0.30
CA VAL A 300 -32.30 -13.54 0.08
C VAL A 300 -30.81 -13.75 0.29
N ALA A 301 -29.99 -12.90 -0.30
CA ALA A 301 -28.55 -12.93 -0.01
C ALA A 301 -28.30 -12.45 1.42
N TRP A 302 -27.51 -13.23 2.15
CA TRP A 302 -27.15 -12.91 3.53
C TRP A 302 -25.65 -13.05 3.74
N ALA B 10 -12.34 7.87 -19.10
CA ALA B 10 -13.23 8.97 -18.77
C ALA B 10 -14.68 8.61 -19.14
N ARG B 11 -15.39 8.00 -18.20
CA ARG B 11 -16.74 7.50 -18.44
C ARG B 11 -17.75 8.65 -18.52
N LYS B 12 -18.66 8.54 -19.49
CA LYS B 12 -19.66 9.58 -19.75
C LYS B 12 -20.97 9.18 -19.07
N GLY B 13 -21.48 10.04 -18.19
CA GLY B 13 -22.71 9.78 -17.46
C GLY B 13 -23.91 10.43 -18.10
N ILE B 14 -25.01 9.71 -18.08
CA ILE B 14 -26.29 10.24 -18.54
C ILE B 14 -27.27 10.16 -17.38
N ILE B 15 -27.92 11.28 -17.07
CA ILE B 15 -29.07 11.30 -16.18
C ILE B 15 -30.34 11.41 -17.02
N LEU B 16 -31.18 10.39 -16.96
CA LEU B 16 -32.44 10.41 -17.70
C LEU B 16 -33.52 11.02 -16.82
N ALA B 17 -33.93 12.27 -17.10
CA ALA B 17 -34.83 13.01 -16.22
C ALA B 17 -36.02 13.55 -17.00
N GLY B 18 -36.62 12.72 -17.82
CA GLY B 18 -37.72 13.14 -18.61
C GLY B 18 -39.08 12.77 -18.06
N GLY B 19 -40.02 12.56 -18.98
CA GLY B 19 -41.44 12.47 -18.70
C GLY B 19 -41.84 11.21 -17.97
N SER B 20 -42.42 11.39 -16.78
CA SER B 20 -42.84 10.30 -15.93
C SER B 20 -44.33 9.99 -15.98
N GLY B 21 -45.10 10.65 -16.88
CA GLY B 21 -46.53 10.44 -16.92
C GLY B 21 -47.27 11.27 -15.86
N THR B 22 -48.53 10.93 -15.69
CA THR B 22 -49.41 11.71 -14.83
C THR B 22 -49.80 10.97 -13.56
N ARG B 23 -49.10 9.89 -13.20
CA ARG B 23 -49.49 9.18 -11.98
C ARG B 23 -49.53 10.10 -10.78
N LEU B 24 -48.57 11.05 -10.71
CA LEU B 24 -48.48 11.93 -9.55
C LEU B 24 -49.29 13.21 -9.71
N TYR B 25 -50.12 13.31 -10.76
CA TYR B 25 -50.95 14.47 -10.96
C TYR B 25 -51.74 14.77 -9.68
N PRO B 26 -51.86 16.03 -9.28
CA PRO B 26 -51.35 17.18 -10.04
C PRO B 26 -49.98 17.74 -9.63
N ILE B 27 -49.18 17.09 -8.77
CA ILE B 27 -47.94 17.73 -8.35
C ILE B 27 -46.94 17.87 -9.48
N THR B 28 -47.04 17.07 -10.54
CA THR B 28 -46.13 17.18 -11.68
C THR B 28 -46.80 17.85 -12.88
N HIS B 29 -47.94 18.51 -12.67
CA HIS B 29 -48.68 19.02 -13.82
C HIS B 29 -47.88 20.06 -14.59
N VAL B 30 -47.16 20.94 -13.89
CA VAL B 30 -46.39 21.98 -14.59
C VAL B 30 -44.95 22.04 -14.15
N VAL B 31 -44.51 21.13 -13.26
CA VAL B 31 -43.13 21.03 -12.81
C VAL B 31 -42.71 19.58 -12.96
N SER B 32 -41.60 19.36 -13.65
CA SER B 32 -41.13 18.00 -13.80
C SER B 32 -40.75 17.45 -12.43
N LYS B 33 -41.00 16.15 -12.26
CA LYS B 33 -40.81 15.48 -10.98
C LYS B 33 -39.40 15.63 -10.42
N GLN B 34 -38.39 15.50 -11.29
CA GLN B 34 -37.00 15.52 -10.85
C GLN B 34 -36.51 16.90 -10.48
N LEU B 35 -37.33 17.93 -10.65
CA LEU B 35 -37.08 19.24 -10.07
C LEU B 35 -37.69 19.43 -8.70
N LEU B 36 -38.46 18.45 -8.22
CA LEU B 36 -39.21 18.60 -6.97
C LEU B 36 -38.38 18.21 -5.76
N PRO B 37 -38.70 18.75 -4.60
CA PRO B 37 -37.79 18.53 -3.47
C PRO B 37 -37.90 17.12 -2.89
N VAL B 38 -36.76 16.57 -2.52
CA VAL B 38 -36.64 15.48 -1.56
C VAL B 38 -35.97 16.05 -0.31
N TYR B 39 -36.82 16.42 0.65
CA TYR B 39 -36.48 17.11 1.90
C TYR B 39 -35.95 18.52 1.67
N ASP B 40 -34.64 18.65 1.43
CA ASP B 40 -33.97 19.96 1.45
C ASP B 40 -33.26 20.33 0.16
N LYS B 41 -33.40 19.55 -0.91
CA LYS B 41 -32.70 19.84 -2.16
C LYS B 41 -33.48 19.18 -3.29
N PRO B 42 -33.34 19.67 -4.53
CA PRO B 42 -34.09 19.07 -5.65
C PRO B 42 -33.68 17.62 -5.88
N MET B 43 -34.68 16.82 -6.30
CA MET B 43 -34.51 15.38 -6.51
C MET B 43 -33.29 15.03 -7.34
N ILE B 44 -33.03 15.81 -8.40
CA ILE B 44 -31.98 15.41 -9.31
C ILE B 44 -30.60 15.54 -8.65
N TYR B 45 -30.50 16.29 -7.55
CA TYR B 45 -29.22 16.33 -6.85
C TYR B 45 -28.73 14.95 -6.45
N TYR B 46 -29.66 14.02 -6.13
CA TYR B 46 -29.25 12.73 -5.61
C TYR B 46 -28.60 11.85 -6.67
N PRO B 47 -29.26 11.55 -7.81
CA PRO B 47 -28.55 10.79 -8.86
C PRO B 47 -27.37 11.56 -9.43
N LEU B 48 -27.41 12.89 -9.46
CA LEU B 48 -26.21 13.63 -9.88
C LEU B 48 -25.04 13.30 -8.96
N SER B 49 -25.30 13.32 -7.65
CA SER B 49 -24.25 13.03 -6.68
C SER B 49 -23.75 11.59 -6.81
N THR B 50 -24.66 10.66 -7.10
CA THR B 50 -24.25 9.27 -7.25
C THR B 50 -23.25 9.15 -8.38
N LEU B 51 -23.49 9.83 -9.50
CA LEU B 51 -22.51 9.81 -10.60
C LEU B 51 -21.19 10.41 -10.16
N MET B 52 -21.23 11.52 -9.42
CA MET B 52 -20.01 12.16 -8.94
C MET B 52 -19.27 11.25 -7.97
N VAL B 53 -20.00 10.55 -7.10
CA VAL B 53 -19.37 9.60 -6.19
C VAL B 53 -18.71 8.46 -6.97
N ALA B 54 -19.29 8.07 -8.13
CA ALA B 54 -18.63 7.08 -8.96
C ALA B 54 -17.40 7.64 -9.66
N GLY B 55 -17.18 8.95 -9.60
CA GLY B 55 -16.07 9.55 -10.29
C GLY B 55 -16.44 10.13 -11.63
N ILE B 56 -17.71 10.10 -12.01
CA ILE B 56 -18.10 10.62 -13.31
C ILE B 56 -18.19 12.13 -13.24
N ARG B 57 -17.49 12.78 -14.17
CA ARG B 57 -17.27 14.20 -14.21
C ARG B 57 -17.91 14.85 -15.44
N ASP B 58 -18.36 14.05 -16.41
CA ASP B 58 -19.01 14.51 -17.63
C ASP B 58 -20.42 13.95 -17.64
N VAL B 59 -21.43 14.82 -17.53
CA VAL B 59 -22.81 14.40 -17.35
C VAL B 59 -23.68 15.03 -18.42
N LEU B 60 -24.52 14.22 -19.07
CA LEU B 60 -25.56 14.69 -19.96
C LEU B 60 -26.90 14.55 -19.23
N ILE B 61 -27.62 15.66 -19.12
CA ILE B 61 -28.95 15.67 -18.52
C ILE B 61 -29.95 15.59 -19.67
N ILE B 62 -30.77 14.54 -19.71
CA ILE B 62 -31.86 14.44 -20.69
C ILE B 62 -33.17 14.78 -20.00
N SER B 63 -33.94 15.71 -20.57
CA SER B 63 -35.24 16.03 -19.98
C SER B 63 -36.26 16.26 -21.11
N THR B 64 -37.47 16.67 -20.72
CA THR B 64 -38.45 17.10 -21.70
C THR B 64 -38.03 18.44 -22.30
N PRO B 65 -38.50 18.74 -23.52
CA PRO B 65 -38.25 20.09 -24.07
C PRO B 65 -38.72 21.21 -23.15
N GLN B 66 -39.86 21.04 -22.49
CA GLN B 66 -40.41 22.12 -21.67
C GLN B 66 -39.51 22.44 -20.48
N ASP B 67 -38.87 21.45 -19.89
CA ASP B 67 -38.13 21.70 -18.65
C ASP B 67 -36.61 21.72 -18.80
N THR B 68 -36.07 21.53 -20.00
CA THR B 68 -34.62 21.62 -20.13
C THR B 68 -34.08 22.98 -19.67
N PRO B 69 -34.69 24.15 -19.94
CA PRO B 69 -34.13 25.37 -19.33
C PRO B 69 -34.20 25.36 -17.82
N ARG B 70 -35.17 24.66 -17.23
CA ARG B 70 -35.22 24.64 -15.77
C ARG B 70 -34.06 23.81 -15.20
N PHE B 71 -33.80 22.63 -15.76
CA PHE B 71 -32.63 21.88 -15.31
C PHE B 71 -31.35 22.67 -15.56
N GLU B 72 -31.24 23.32 -16.72
CA GLU B 72 -30.04 24.09 -17.00
C GLU B 72 -29.92 25.30 -16.08
N ALA B 73 -31.04 25.95 -15.79
CA ALA B 73 -31.01 27.05 -14.82
C ALA B 73 -30.54 26.57 -13.46
N MET B 74 -30.80 25.31 -13.13
CA MET B 74 -30.39 24.76 -11.84
C MET B 74 -28.91 24.34 -11.79
N LEU B 75 -28.44 23.54 -12.76
CA LEU B 75 -27.11 22.97 -12.70
C LEU B 75 -26.05 23.71 -13.50
N GLY B 76 -26.44 24.52 -14.48
CA GLY B 76 -25.45 25.22 -15.28
C GLY B 76 -24.62 24.25 -16.11
N ASP B 77 -23.41 24.67 -16.44
CA ASP B 77 -22.53 23.81 -17.21
C ASP B 77 -21.66 22.93 -16.32
N GLY B 78 -21.90 22.97 -15.01
CA GLY B 78 -21.16 22.15 -14.09
C GLY B 78 -19.78 22.66 -13.79
N SER B 79 -19.31 23.71 -14.49
CA SER B 79 -17.98 24.24 -14.24
C SER B 79 -17.88 24.83 -12.85
N GLN B 80 -19.00 25.23 -12.26
CA GLN B 80 -18.93 25.68 -10.87
C GLN B 80 -18.54 24.57 -9.91
N TRP B 81 -18.73 23.30 -10.31
CA TRP B 81 -18.29 22.16 -9.51
C TRP B 81 -17.12 21.42 -10.16
N GLY B 82 -16.40 22.06 -11.07
CA GLY B 82 -15.33 21.37 -11.78
C GLY B 82 -15.82 20.20 -12.61
N MET B 83 -17.06 20.25 -13.09
CA MET B 83 -17.62 19.20 -13.92
C MET B 83 -17.94 19.77 -15.30
N ASN B 84 -18.41 18.89 -16.17
CA ASN B 84 -18.91 19.23 -17.49
C ASN B 84 -20.33 18.71 -17.59
N ILE B 85 -21.32 19.60 -17.58
CA ILE B 85 -22.71 19.19 -17.64
C ILE B 85 -23.33 19.78 -18.89
N GLN B 86 -23.89 18.92 -19.72
CA GLN B 86 -24.60 19.27 -20.94
C GLN B 86 -26.03 18.75 -20.84
N TYR B 87 -26.84 19.18 -21.81
CA TYR B 87 -28.28 18.97 -21.84
C TYR B 87 -28.73 18.46 -23.19
N ALA B 88 -29.77 17.62 -23.18
CA ALA B 88 -30.42 17.12 -24.38
C ALA B 88 -31.88 16.88 -24.03
N VAL B 89 -32.73 16.81 -25.06
CA VAL B 89 -34.16 16.66 -24.81
C VAL B 89 -34.63 15.30 -25.29
N GLN B 90 -35.68 14.78 -24.64
CA GLN B 90 -36.40 13.59 -25.09
C GLN B 90 -37.83 14.00 -25.39
N PRO B 91 -38.24 14.11 -26.66
CA PRO B 91 -39.63 14.56 -26.91
C PRO B 91 -40.67 13.65 -26.27
N SER B 92 -40.49 12.32 -26.40
CA SER B 92 -41.44 11.38 -25.85
C SER B 92 -40.72 10.33 -25.03
N PRO B 93 -41.28 9.91 -23.90
CA PRO B 93 -40.61 8.92 -23.01
C PRO B 93 -40.77 7.50 -23.52
N ASP B 94 -39.97 7.17 -24.54
CA ASP B 94 -40.10 5.96 -25.32
C ASP B 94 -39.14 4.84 -24.87
N GLY B 95 -38.54 4.97 -23.69
CA GLY B 95 -37.73 3.89 -23.14
C GLY B 95 -36.36 4.31 -22.62
N LEU B 96 -35.91 3.65 -21.55
CA LEU B 96 -34.62 3.99 -20.98
C LEU B 96 -33.51 3.94 -22.01
N ALA B 97 -33.55 2.93 -22.90
CA ALA B 97 -32.45 2.70 -23.81
C ALA B 97 -32.32 3.83 -24.85
N GLN B 98 -33.38 4.61 -25.03
CA GLN B 98 -33.33 5.78 -25.92
C GLN B 98 -32.34 6.83 -25.44
N ALA B 99 -31.95 6.79 -24.17
CA ALA B 99 -30.92 7.70 -23.70
C ALA B 99 -29.63 7.52 -24.49
N PHE B 100 -29.34 6.30 -24.93
CA PHE B 100 -28.11 6.02 -25.65
C PHE B 100 -28.22 6.31 -27.14
N ILE B 101 -29.42 6.63 -27.62
CA ILE B 101 -29.60 7.24 -28.93
C ILE B 101 -29.50 8.76 -28.84
N ILE B 102 -30.27 9.38 -27.94
CA ILE B 102 -30.14 10.81 -27.71
C ILE B 102 -28.71 11.18 -27.34
N GLY B 103 -28.07 10.38 -26.49
CA GLY B 103 -26.72 10.70 -26.10
C GLY B 103 -25.61 10.02 -26.91
N ARG B 104 -25.92 9.53 -28.11
CA ARG B 104 -24.89 8.81 -28.86
C ARG B 104 -23.69 9.71 -29.13
N GLU B 105 -23.93 10.93 -29.61
CA GLU B 105 -22.83 11.85 -29.83
C GLU B 105 -22.10 12.15 -28.52
N PHE B 106 -22.84 12.36 -27.44
CA PHE B 106 -22.21 12.67 -26.17
C PHE B 106 -21.29 11.55 -25.71
N VAL B 107 -21.76 10.29 -25.81
CA VAL B 107 -20.94 9.17 -25.36
C VAL B 107 -19.75 8.96 -26.29
N GLY B 108 -19.97 9.06 -27.60
CA GLY B 108 -18.88 8.82 -28.54
C GLY B 108 -18.40 7.39 -28.40
N ASN B 109 -17.08 7.21 -28.32
CA ASN B 109 -16.46 5.90 -28.20
C ASN B 109 -16.09 5.54 -26.76
N ASP B 110 -16.49 6.38 -25.76
CA ASP B 110 -16.09 6.14 -24.38
C ASP B 110 -17.07 5.22 -23.68
N PRO B 111 -16.69 4.65 -22.54
CA PRO B 111 -17.68 3.99 -21.69
C PRO B 111 -18.68 5.01 -21.14
N SER B 112 -19.78 4.50 -20.58
CA SER B 112 -20.85 5.35 -20.12
C SER B 112 -21.54 4.75 -18.90
N ALA B 113 -22.41 5.56 -18.32
CA ALA B 113 -23.31 5.09 -17.29
C ALA B 113 -24.61 5.84 -17.42
N LEU B 114 -25.71 5.15 -17.18
CA LEU B 114 -27.03 5.77 -17.14
C LEU B 114 -27.60 5.67 -15.72
N ILE B 115 -28.14 6.78 -15.23
CA ILE B 115 -28.87 6.76 -13.97
C ILE B 115 -30.18 7.50 -14.17
N LEU B 116 -31.22 7.04 -13.47
CA LEU B 116 -32.52 7.70 -13.55
C LEU B 116 -32.56 8.90 -12.64
N GLY B 117 -33.11 10.00 -13.15
CA GLY B 117 -33.20 11.26 -12.43
C GLY B 117 -34.06 11.25 -11.19
N ASP B 118 -34.80 10.16 -10.91
CA ASP B 118 -35.63 10.07 -9.70
C ASP B 118 -35.23 8.92 -8.78
N ASN B 119 -34.04 8.35 -8.96
CA ASN B 119 -33.55 7.21 -8.17
C ASN B 119 -32.57 7.71 -7.12
N ILE B 120 -32.79 7.33 -5.87
CA ILE B 120 -31.88 7.67 -4.78
C ILE B 120 -31.11 6.42 -4.34
N PHE B 121 -29.80 6.54 -4.26
CA PHE B 121 -28.90 5.50 -3.77
C PHE B 121 -28.15 6.01 -2.55
N TYR B 122 -28.16 5.23 -1.46
CA TYR B 122 -27.44 5.64 -0.27
C TYR B 122 -26.96 4.42 0.52
N GLY B 123 -25.74 4.48 1.03
CA GLY B 123 -25.26 3.43 1.92
C GLY B 123 -23.74 3.41 2.00
N HIS B 124 -23.25 2.66 2.97
CA HIS B 124 -21.82 2.64 3.23
C HIS B 124 -21.07 1.91 2.12
N ASP B 125 -19.93 2.48 1.74
CA ASP B 125 -19.06 1.93 0.70
C ASP B 125 -19.71 1.92 -0.67
N LEU B 126 -20.74 2.74 -0.89
CA LEU B 126 -21.32 2.82 -2.23
C LEU B 126 -20.26 3.23 -3.23
N ALA B 127 -19.37 4.13 -2.83
CA ALA B 127 -18.29 4.61 -3.68
C ALA B 127 -17.38 3.48 -4.13
N LYS B 128 -17.03 2.58 -3.22
CA LYS B 128 -16.16 1.47 -3.60
C LYS B 128 -16.80 0.62 -4.68
N GLN B 129 -18.11 0.38 -4.56
CA GLN B 129 -18.84 -0.41 -5.55
C GLN B 129 -18.95 0.31 -6.88
N LEU B 130 -19.24 1.61 -6.86
CA LEU B 130 -19.36 2.36 -8.11
C LEU B 130 -18.01 2.52 -8.78
N GLU B 131 -16.96 2.73 -8.00
CA GLU B 131 -15.65 2.84 -8.60
C GLU B 131 -15.22 1.52 -9.23
N ARG B 132 -15.60 0.39 -8.63
CA ARG B 132 -15.28 -0.88 -9.26
C ARG B 132 -16.02 -1.03 -10.58
N ALA B 133 -17.28 -0.59 -10.64
CA ALA B 133 -18.00 -0.66 -11.90
C ALA B 133 -17.39 0.31 -12.90
N ASN B 134 -17.05 1.52 -12.43
CA ASN B 134 -16.45 2.50 -13.33
C ASN B 134 -15.12 2.00 -13.88
N ALA B 135 -14.36 1.22 -13.10
CA ALA B 135 -13.04 0.74 -13.53
C ALA B 135 -13.06 -0.49 -14.44
N ARG B 136 -14.21 -1.16 -14.66
CA ARG B 136 -14.25 -2.28 -15.61
C ARG B 136 -13.88 -1.82 -17.02
N THR B 137 -13.10 -2.66 -17.72
CA THR B 137 -12.67 -2.28 -19.07
C THR B 137 -13.60 -2.78 -20.17
N ASP B 138 -14.47 -3.75 -19.89
CA ASP B 138 -15.37 -4.26 -20.92
C ASP B 138 -16.65 -4.74 -20.25
N GLY B 139 -17.68 -4.96 -21.08
CA GLY B 139 -18.92 -5.49 -20.55
C GLY B 139 -19.77 -4.43 -19.88
N ALA B 140 -20.63 -4.89 -18.98
CA ALA B 140 -21.56 -4.02 -18.28
C ALA B 140 -21.74 -4.50 -16.85
N THR B 141 -22.18 -3.57 -15.99
CA THR B 141 -22.50 -3.83 -14.59
C THR B 141 -23.87 -3.21 -14.30
N VAL B 142 -24.76 -3.99 -13.70
CA VAL B 142 -26.03 -3.52 -13.16
C VAL B 142 -26.13 -4.05 -11.72
N PHE B 143 -27.11 -3.54 -10.98
CA PHE B 143 -27.23 -3.90 -9.56
C PHE B 143 -28.61 -4.40 -9.27
N ALA B 144 -28.68 -5.39 -8.41
CA ALA B 144 -29.92 -6.06 -8.05
C ALA B 144 -30.24 -5.80 -6.58
N TYR B 145 -31.49 -5.50 -6.28
CA TYR B 145 -31.86 -5.03 -4.97
C TYR B 145 -33.19 -5.65 -4.58
N HIS B 146 -33.26 -6.21 -3.41
CA HIS B 146 -34.45 -6.90 -2.97
C HIS B 146 -35.52 -5.87 -2.60
N VAL B 147 -36.68 -5.94 -3.27
CA VAL B 147 -37.80 -5.03 -3.05
C VAL B 147 -39.07 -5.85 -2.83
N HIS B 148 -40.13 -5.21 -2.31
CA HIS B 148 -41.34 -5.99 -2.09
C HIS B 148 -42.18 -6.15 -3.35
N ASP B 149 -42.01 -5.30 -4.34
CA ASP B 149 -42.82 -5.34 -5.56
C ASP B 149 -41.92 -5.48 -6.79
N PRO B 150 -41.17 -6.57 -6.89
CA PRO B 150 -40.24 -6.71 -8.04
C PRO B 150 -40.94 -6.64 -9.39
N GLU B 151 -42.20 -7.04 -9.47
CA GLU B 151 -42.89 -7.11 -10.76
C GLU B 151 -43.05 -5.76 -11.44
N ARG B 152 -42.73 -4.63 -10.79
CA ARG B 152 -42.78 -3.40 -11.57
C ARG B 152 -41.43 -3.04 -12.19
N TYR B 153 -40.48 -3.95 -12.18
CA TYR B 153 -39.10 -3.72 -12.63
C TYR B 153 -38.62 -4.85 -13.55
N GLY B 154 -37.42 -4.70 -14.10
CA GLY B 154 -36.66 -5.86 -14.51
C GLY B 154 -36.27 -6.68 -13.29
N VAL B 155 -36.51 -7.98 -13.35
CA VAL B 155 -36.33 -8.89 -12.23
C VAL B 155 -35.20 -9.85 -12.58
N VAL B 156 -34.26 -10.04 -11.66
CA VAL B 156 -33.14 -10.96 -11.90
C VAL B 156 -33.53 -12.36 -11.45
N GLU B 157 -33.31 -13.33 -12.32
CA GLU B 157 -33.34 -14.74 -11.95
C GLU B 157 -31.95 -15.18 -11.52
N PHE B 158 -31.84 -15.67 -10.29
CA PHE B 158 -30.57 -16.04 -9.68
C PHE B 158 -30.52 -17.54 -9.42
N ASP B 159 -29.37 -18.16 -9.66
CA ASP B 159 -29.19 -19.54 -9.22
C ASP B 159 -28.82 -19.54 -7.74
N LYS B 160 -28.53 -20.73 -7.19
CA LYS B 160 -28.27 -20.86 -5.75
C LYS B 160 -27.07 -20.05 -5.30
N ASP B 161 -26.13 -19.78 -6.22
CA ASP B 161 -24.94 -18.99 -5.93
C ASP B 161 -25.11 -17.55 -6.37
N PHE B 162 -26.34 -17.12 -6.63
CA PHE B 162 -26.63 -15.75 -7.04
C PHE B 162 -25.85 -15.37 -8.29
N ARG B 163 -25.65 -16.32 -9.19
CA ARG B 163 -25.27 -15.97 -10.55
C ARG B 163 -26.53 -15.68 -11.34
N ALA B 164 -26.51 -14.58 -12.11
CA ALA B 164 -27.68 -14.16 -12.86
C ALA B 164 -27.93 -15.09 -14.04
N LEU B 165 -29.15 -15.59 -14.16
CA LEU B 165 -29.55 -16.43 -15.28
C LEU B 165 -30.42 -15.72 -16.30
N SER B 166 -31.19 -14.69 -15.92
CA SER B 166 -32.05 -14.01 -16.87
C SER B 166 -32.52 -12.72 -16.24
N ILE B 167 -33.01 -11.82 -17.10
CA ILE B 167 -33.66 -10.59 -16.66
C ILE B 167 -34.94 -10.44 -17.45
N GLU B 168 -36.06 -10.32 -16.74
CA GLU B 168 -37.38 -10.19 -17.34
C GLU B 168 -37.96 -8.85 -16.91
N GLU B 169 -38.47 -8.10 -17.87
CA GLU B 169 -39.05 -6.79 -17.60
C GLU B 169 -40.48 -7.00 -17.13
N LYS B 170 -40.77 -6.61 -15.91
CA LYS B 170 -42.11 -6.68 -15.33
C LYS B 170 -42.80 -8.03 -15.55
N PRO B 171 -42.19 -9.13 -15.10
CA PRO B 171 -42.85 -10.44 -15.28
C PRO B 171 -44.11 -10.57 -14.42
N ALA B 172 -45.03 -11.35 -14.94
CA ALA B 172 -46.24 -11.70 -14.19
C ALA B 172 -45.89 -12.50 -12.93
N LYS B 173 -45.00 -13.48 -13.05
CA LYS B 173 -44.51 -14.27 -11.91
C LYS B 173 -43.01 -14.04 -11.77
N PRO B 174 -42.61 -13.06 -10.98
CA PRO B 174 -41.18 -12.75 -10.85
C PRO B 174 -40.38 -13.92 -10.29
N ARG B 175 -39.27 -14.21 -10.94
CA ARG B 175 -38.43 -15.33 -10.54
C ARG B 175 -37.65 -15.07 -9.25
N SER B 176 -37.54 -13.82 -8.80
CA SER B 176 -36.97 -13.53 -7.48
C SER B 176 -37.52 -12.18 -7.03
N ASN B 177 -37.04 -11.70 -5.87
CA ASN B 177 -37.42 -10.37 -5.42
C ASN B 177 -36.42 -9.30 -5.79
N TYR B 178 -35.40 -9.65 -6.55
CA TYR B 178 -34.31 -8.72 -6.88
C TYR B 178 -34.68 -7.94 -8.14
N ALA B 179 -34.85 -6.65 -7.97
CA ALA B 179 -35.07 -5.73 -9.08
C ALA B 179 -33.73 -5.16 -9.56
N VAL B 180 -33.64 -4.89 -10.87
CA VAL B 180 -32.49 -4.19 -11.40
C VAL B 180 -32.65 -2.72 -11.02
N THR B 181 -31.69 -2.16 -10.26
CA THR B 181 -31.82 -0.74 -9.88
C THR B 181 -31.66 0.16 -11.13
N GLY B 182 -32.03 1.44 -11.02
CA GLY B 182 -31.93 2.40 -12.12
C GLY B 182 -30.56 3.06 -12.32
N LEU B 183 -29.50 2.27 -12.26
CA LEU B 183 -28.11 2.71 -12.42
C LEU B 183 -27.38 1.59 -13.16
N TYR B 184 -26.76 1.92 -14.30
CA TYR B 184 -26.20 0.97 -15.26
C TYR B 184 -24.86 1.51 -15.78
N PHE B 185 -23.81 0.67 -15.80
CA PHE B 185 -22.50 1.00 -16.37
C PHE B 185 -22.27 0.20 -17.65
N TYR B 186 -21.78 0.85 -18.71
CA TYR B 186 -21.65 0.17 -19.99
C TYR B 186 -20.30 0.45 -20.63
N ASP B 187 -19.85 -0.51 -21.44
CA ASP B 187 -18.70 -0.32 -22.30
C ASP B 187 -19.15 0.38 -23.60
N ASN B 188 -18.30 0.40 -24.63
CA ASN B 188 -18.63 1.16 -25.85
C ASN B 188 -19.56 0.40 -26.80
N GLN B 189 -20.19 -0.69 -26.36
CA GLN B 189 -21.13 -1.41 -27.19
C GLN B 189 -22.55 -0.88 -27.09
N VAL B 190 -22.88 -0.17 -25.98
CA VAL B 190 -24.28 0.07 -25.65
C VAL B 190 -24.98 0.92 -26.70
N CYS B 191 -24.32 1.95 -27.22
CA CYS B 191 -25.00 2.84 -28.17
C CYS B 191 -25.44 2.07 -29.41
N ASP B 192 -24.57 1.24 -29.96
CA ASP B 192 -24.94 0.44 -31.12
C ASP B 192 -26.02 -0.57 -30.76
N ILE B 193 -25.97 -1.16 -29.56
CA ILE B 193 -27.04 -2.08 -29.13
C ILE B 193 -28.37 -1.36 -29.05
N ALA B 194 -28.39 -0.21 -28.35
CA ALA B 194 -29.63 0.55 -28.22
C ALA B 194 -30.19 0.91 -29.59
N ALA B 195 -29.32 1.19 -30.56
CA ALA B 195 -29.78 1.51 -31.90
C ALA B 195 -30.33 0.29 -32.60
N ASP B 196 -30.00 -0.90 -32.11
CA ASP B 196 -30.40 -2.14 -32.74
C ASP B 196 -31.69 -2.72 -32.19
N ILE B 197 -32.07 -2.41 -30.95
CA ILE B 197 -33.27 -3.03 -30.40
C ILE B 197 -34.50 -2.29 -30.90
N LYS B 198 -35.60 -3.02 -30.93
CA LYS B 198 -36.88 -2.60 -31.41
C LYS B 198 -37.83 -2.38 -30.23
N PRO B 199 -38.82 -1.51 -30.38
CA PRO B 199 -39.79 -1.32 -29.29
C PRO B 199 -40.43 -2.64 -28.88
N SER B 200 -40.70 -2.74 -27.59
CA SER B 200 -41.29 -3.91 -26.94
C SER B 200 -42.81 -3.91 -27.08
N ALA B 201 -43.42 -4.93 -26.46
CA ALA B 201 -44.88 -5.00 -26.44
C ALA B 201 -45.51 -3.73 -25.87
N ARG B 202 -44.94 -3.17 -24.81
CA ARG B 202 -45.45 -1.90 -24.26
C ARG B 202 -44.96 -0.68 -25.04
N GLY B 203 -44.29 -0.88 -26.17
CA GLY B 203 -43.92 0.23 -27.01
C GLY B 203 -42.69 1.00 -26.59
N GLU B 204 -41.78 0.39 -25.83
CA GLU B 204 -40.61 1.10 -25.31
C GLU B 204 -39.32 0.39 -25.71
N LEU B 205 -38.27 1.19 -25.89
CA LEU B 205 -36.92 0.66 -26.05
C LEU B 205 -36.37 0.27 -24.68
N GLU B 206 -36.25 -1.04 -24.42
CA GLU B 206 -36.11 -1.60 -23.08
C GLU B 206 -34.64 -1.71 -22.65
N ILE B 207 -34.31 -1.12 -21.49
CA ILE B 207 -32.98 -1.32 -20.89
C ILE B 207 -32.78 -2.79 -20.57
N THR B 208 -33.86 -3.52 -20.26
CA THR B 208 -33.76 -4.96 -20.07
C THR B 208 -33.29 -5.68 -21.33
N ASP B 209 -33.67 -5.20 -22.52
CA ASP B 209 -33.13 -5.82 -23.74
C ASP B 209 -31.66 -5.53 -23.91
N VAL B 210 -31.23 -4.30 -23.65
CA VAL B 210 -29.80 -3.99 -23.61
C VAL B 210 -29.09 -4.90 -22.60
N ASN B 211 -29.62 -4.98 -21.37
CA ASN B 211 -28.92 -5.77 -20.35
C ASN B 211 -28.95 -7.24 -20.67
N SER B 212 -30.07 -7.74 -21.21
CA SER B 212 -30.13 -9.14 -21.61
C SER B 212 -29.14 -9.45 -22.72
N ARG B 213 -28.81 -8.46 -23.55
CA ARG B 213 -27.78 -8.71 -24.57
C ARG B 213 -26.45 -8.97 -23.91
N TYR B 214 -26.06 -8.12 -22.96
CA TYR B 214 -24.80 -8.33 -22.27
C TYR B 214 -24.79 -9.66 -21.53
N LEU B 215 -25.91 -10.04 -20.92
CA LEU B 215 -25.94 -11.30 -20.17
C LEU B 215 -25.68 -12.47 -21.10
N SER B 216 -26.36 -12.51 -22.26
CA SER B 216 -26.19 -13.61 -23.20
C SER B 216 -24.79 -13.64 -23.78
N GLN B 217 -24.13 -12.48 -23.84
CA GLN B 217 -22.74 -12.42 -24.27
C GLN B 217 -21.78 -12.79 -23.15
N LYS B 218 -22.29 -13.02 -21.93
CA LYS B 218 -21.51 -13.35 -20.75
C LYS B 218 -20.58 -12.20 -20.33
N THR B 219 -20.99 -10.96 -20.59
CA THR B 219 -20.22 -9.80 -20.17
C THR B 219 -21.00 -8.89 -19.21
N LEU B 220 -22.11 -9.36 -18.67
CA LEU B 220 -22.88 -8.60 -17.67
C LEU B 220 -22.50 -9.04 -16.26
N ASP B 221 -22.02 -8.09 -15.45
CA ASP B 221 -21.87 -8.30 -14.01
C ASP B 221 -23.14 -7.82 -13.33
N VAL B 222 -23.82 -8.73 -12.61
CA VAL B 222 -24.99 -8.36 -11.83
C VAL B 222 -24.59 -8.42 -10.37
N GLU B 223 -24.45 -7.26 -9.77
CA GLU B 223 -24.01 -7.20 -8.38
C GLU B 223 -25.17 -6.95 -7.43
N ILE B 224 -25.21 -7.72 -6.35
CA ILE B 224 -26.22 -7.47 -5.34
C ILE B 224 -25.90 -6.17 -4.63
N MET B 225 -26.90 -5.30 -4.53
CA MET B 225 -26.86 -4.18 -3.59
C MET B 225 -27.62 -4.62 -2.36
N GLY B 226 -26.89 -4.84 -1.28
CA GLY B 226 -27.47 -5.47 -0.12
C GLY B 226 -28.48 -4.60 0.61
N ARG B 227 -29.13 -5.25 1.57
CA ARG B 227 -30.18 -4.57 2.29
C ARG B 227 -29.65 -3.43 3.16
N GLY B 228 -28.32 -3.33 3.34
CA GLY B 228 -27.73 -2.21 4.04
C GLY B 228 -27.80 -0.89 3.31
N TYR B 229 -28.16 -0.93 2.01
CA TYR B 229 -28.31 0.22 1.12
C TYR B 229 -29.77 0.62 1.02
N ALA B 230 -30.00 1.92 0.78
CA ALA B 230 -31.30 2.40 0.41
C ALA B 230 -31.25 2.64 -1.09
N TRP B 231 -32.10 1.95 -1.84
CA TRP B 231 -32.34 2.29 -3.23
C TRP B 231 -33.80 2.70 -3.29
N LEU B 232 -34.02 4.00 -3.42
CA LEU B 232 -35.35 4.60 -3.34
C LEU B 232 -35.68 5.27 -4.67
N ASP B 233 -36.80 4.90 -5.25
CA ASP B 233 -37.43 5.75 -6.24
C ASP B 233 -38.67 6.36 -5.60
N THR B 234 -39.40 7.11 -6.34
CA THR B 234 -40.39 7.90 -5.70
C THR B 234 -41.59 7.88 -6.63
N GLY B 235 -42.17 6.68 -6.80
CA GLY B 235 -43.24 6.49 -7.75
C GLY B 235 -44.61 6.86 -7.24
N THR B 236 -44.76 7.09 -5.93
CA THR B 236 -46.06 7.48 -5.37
C THR B 236 -45.89 8.72 -4.50
N HIS B 237 -47.00 9.40 -4.21
CA HIS B 237 -46.94 10.52 -3.27
C HIS B 237 -46.37 10.08 -1.93
N ASP B 238 -46.77 8.91 -1.44
CA ASP B 238 -46.27 8.38 -0.17
C ASP B 238 -44.78 8.11 -0.22
N SER B 239 -44.31 7.49 -1.31
CA SER B 239 -42.89 7.15 -1.29
C SER B 239 -42.01 8.38 -1.49
N LEU B 240 -42.53 9.43 -2.11
CA LEU B 240 -41.79 10.70 -2.16
C LEU B 240 -41.60 11.26 -0.76
N ILE B 241 -42.67 11.24 0.05
CA ILE B 241 -42.59 11.62 1.47
C ILE B 241 -41.62 10.72 2.21
N GLU B 242 -41.71 9.42 1.99
CA GLU B 242 -40.86 8.52 2.76
C GLU B 242 -39.39 8.75 2.44
N ALA B 243 -39.07 9.02 1.17
CA ALA B 243 -37.68 9.33 0.80
C ALA B 243 -37.21 10.63 1.48
N ALA B 244 -38.09 11.64 1.58
CA ALA B 244 -37.73 12.91 2.21
C ALA B 244 -37.48 12.75 3.70
N THR B 245 -38.35 11.99 4.41
CA THR B 245 -38.17 11.86 5.85
C THR B 245 -36.98 10.98 6.18
N PHE B 246 -36.67 10.02 5.30
CA PHE B 246 -35.50 9.19 5.47
C PHE B 246 -34.22 10.03 5.40
N ILE B 247 -34.06 10.83 4.34
CA ILE B 247 -32.93 11.75 4.25
C ILE B 247 -32.90 12.66 5.47
N ALA B 248 -34.06 13.21 5.85
CA ALA B 248 -34.09 14.18 6.94
C ALA B 248 -33.61 13.56 8.26
N THR B 249 -34.00 12.32 8.54
CA THR B 249 -33.58 11.66 9.78
C THR B 249 -32.05 11.55 9.81
N LEU B 250 -31.43 11.19 8.68
CA LEU B 250 -29.99 11.01 8.65
C LEU B 250 -29.26 12.34 8.79
N GLN B 251 -29.66 13.37 8.02
CA GLN B 251 -28.95 14.65 8.09
C GLN B 251 -29.11 15.30 9.45
N LYS B 252 -30.31 15.22 10.05
CA LYS B 252 -30.45 15.85 11.35
C LYS B 252 -29.58 15.12 12.38
N ARG B 253 -29.50 13.81 12.27
CA ARG B 253 -28.68 13.07 13.25
C ARG B 253 -27.21 13.40 13.07
N GLN B 254 -26.74 13.46 11.83
CA GLN B 254 -25.29 13.51 11.60
C GLN B 254 -24.74 14.91 11.60
N GLY B 255 -25.59 15.90 11.32
CA GLY B 255 -25.08 17.19 10.97
C GLY B 255 -24.41 17.22 9.62
N LEU B 256 -24.68 16.23 8.76
CA LEU B 256 -24.09 16.13 7.44
C LEU B 256 -25.21 16.12 6.40
N VAL B 257 -24.90 16.51 5.17
CA VAL B 257 -25.90 16.60 4.11
C VAL B 257 -25.64 15.47 3.12
N VAL B 258 -26.71 14.79 2.72
CA VAL B 258 -26.62 13.76 1.70
C VAL B 258 -26.70 14.39 0.32
N ALA B 259 -25.84 13.99 -0.59
CA ALA B 259 -25.94 14.41 -2.00
C ALA B 259 -25.74 15.93 -2.12
N CYS B 260 -24.67 16.41 -1.53
CA CYS B 260 -24.29 17.80 -1.66
C CYS B 260 -23.21 17.88 -2.73
N PRO B 261 -23.52 18.31 -3.94
CA PRO B 261 -22.52 18.25 -5.02
C PRO B 261 -21.30 19.08 -4.73
N GLU B 262 -21.47 20.25 -4.13
CA GLU B 262 -20.33 21.08 -3.74
C GLU B 262 -19.37 20.32 -2.84
N GLU B 263 -19.92 19.60 -1.85
CA GLU B 263 -19.09 18.82 -0.94
C GLU B 263 -18.32 17.74 -1.68
N ILE B 264 -19.00 17.02 -2.57
CA ILE B 264 -18.33 15.93 -3.29
C ILE B 264 -17.23 16.47 -4.19
N ALA B 265 -17.51 17.55 -4.94
CA ALA B 265 -16.47 18.12 -5.81
C ALA B 265 -15.26 18.56 -4.99
N TYR B 266 -15.50 19.16 -3.83
CA TYR B 266 -14.39 19.61 -3.00
C TYR B 266 -13.57 18.42 -2.50
N ARG B 267 -14.23 17.36 -2.01
CA ARG B 267 -13.47 16.23 -1.46
C ARG B 267 -12.70 15.50 -2.55
N ARG B 268 -13.22 15.46 -3.78
CA ARG B 268 -12.51 14.87 -4.90
C ARG B 268 -11.51 15.83 -5.52
N LYS B 269 -11.36 17.03 -4.98
CA LYS B 269 -10.41 18.03 -5.43
C LYS B 269 -10.72 18.55 -6.84
N TRP B 270 -11.98 18.43 -7.26
CA TRP B 270 -12.43 19.05 -8.50
C TRP B 270 -12.57 20.56 -8.35
N ILE B 271 -12.78 21.04 -7.13
CA ILE B 271 -12.71 22.45 -6.80
C ILE B 271 -11.89 22.58 -5.52
N ASN B 272 -11.23 23.72 -5.35
CA ASN B 272 -10.42 23.91 -4.15
C ASN B 272 -11.19 24.78 -3.15
N ALA B 273 -10.51 25.09 -2.04
CA ALA B 273 -11.13 25.84 -0.95
C ALA B 273 -11.53 27.25 -1.37
N GLU B 274 -10.71 27.92 -2.15
CA GLU B 274 -11.05 29.27 -2.62
C GLU B 274 -12.31 29.24 -3.47
N GLN B 275 -12.43 28.26 -4.36
CA GLN B 275 -13.63 28.13 -5.17
C GLN B 275 -14.83 27.75 -4.31
N LEU B 276 -14.63 26.88 -3.32
CA LEU B 276 -15.76 26.52 -2.46
C LEU B 276 -16.24 27.73 -1.65
N LEU B 277 -15.30 28.51 -1.08
CA LEU B 277 -15.71 29.70 -0.36
C LEU B 277 -16.50 30.63 -1.26
N ALA B 278 -16.07 30.77 -2.52
CA ALA B 278 -16.77 31.61 -3.48
C ALA B 278 -18.18 31.12 -3.79
N LEU B 279 -18.38 29.79 -3.85
CA LEU B 279 -19.74 29.28 -4.02
C LEU B 279 -20.59 29.58 -2.81
N ALA B 280 -19.96 29.60 -1.63
CA ALA B 280 -20.67 29.72 -0.37
C ALA B 280 -21.10 31.14 -0.07
N ARG B 281 -20.24 32.11 -0.38
CA ARG B 281 -20.46 33.49 0.08
C ARG B 281 -21.83 34.04 -0.29
N PRO B 282 -22.32 33.96 -1.54
CA PRO B 282 -23.66 34.47 -1.83
C PRO B 282 -24.79 33.68 -1.15
N LEU B 283 -24.51 32.50 -0.60
CA LEU B 283 -25.51 31.72 0.12
C LEU B 283 -25.38 31.84 1.63
N SER B 284 -24.60 32.79 2.13
CA SER B 284 -24.28 32.83 3.56
C SER B 284 -25.51 33.02 4.43
N LYS B 285 -26.62 33.51 3.89
CA LYS B 285 -27.79 33.76 4.71
C LYS B 285 -28.69 32.53 4.89
N ASN B 286 -28.41 31.41 4.23
CA ASN B 286 -29.22 30.21 4.41
C ASN B 286 -28.34 29.05 4.93
N ALA B 287 -29.01 27.97 5.35
CA ALA B 287 -28.35 26.84 6.01
C ALA B 287 -27.47 26.08 5.06
N TYR B 288 -27.81 26.08 3.77
CA TYR B 288 -27.03 25.35 2.79
C TYR B 288 -25.67 26.02 2.60
N GLY B 289 -25.66 27.34 2.44
CA GLY B 289 -24.40 28.05 2.32
C GLY B 289 -23.58 27.99 3.60
N GLN B 290 -24.23 27.97 4.77
CA GLN B 290 -23.48 27.80 6.01
C GLN B 290 -22.82 26.42 6.06
N TYR B 291 -23.51 25.40 5.54
CA TYR B 291 -22.92 24.07 5.52
C TYR B 291 -21.69 24.03 4.61
N LEU B 292 -21.76 24.68 3.45
CA LEU B 292 -20.57 24.74 2.61
C LEU B 292 -19.42 25.42 3.34
N GLN B 293 -19.70 26.54 4.02
CA GLN B 293 -18.66 27.25 4.76
C GLN B 293 -18.05 26.36 5.84
N ASN B 294 -18.89 25.62 6.56
CA ASN B 294 -18.37 24.76 7.60
C ASN B 294 -17.57 23.58 7.05
N LEU B 295 -17.68 23.29 5.74
CA LEU B 295 -16.85 22.22 5.17
C LEU B 295 -15.37 22.52 5.27
N LEU B 296 -14.99 23.79 5.35
CA LEU B 296 -13.57 24.12 5.40
C LEU B 296 -12.96 23.88 6.78
N THR B 297 -13.79 23.67 7.80
CA THR B 297 -13.34 23.45 9.16
C THR B 297 -13.76 22.11 9.74
N ASP B 298 -14.90 21.56 9.32
CA ASP B 298 -15.43 20.29 9.81
C ASP B 298 -14.59 19.12 9.30
N GLN B 299 -13.86 18.47 10.20
CA GLN B 299 -13.07 17.29 9.88
C GLN B 299 -13.99 16.09 9.66
N VAL B 300 -14.06 15.58 8.43
CA VAL B 300 -14.93 14.45 8.08
C VAL B 300 -14.08 13.40 7.36
N ALA B 301 -14.21 12.14 7.78
CA ALA B 301 -13.47 11.03 7.17
C ALA B 301 -13.96 10.79 5.75
N TRP B 302 -13.01 10.44 4.87
CA TRP B 302 -13.32 10.18 3.47
C TRP B 302 -12.30 9.22 2.86
N MET C 9 27.80 -28.60 21.21
CA MET C 9 26.83 -27.74 20.53
C MET C 9 27.48 -26.84 19.48
N ALA C 10 27.09 -27.05 18.23
CA ALA C 10 27.53 -26.23 17.10
C ALA C 10 26.31 -25.94 16.24
N ARG C 11 25.71 -24.76 16.46
CA ARG C 11 24.52 -24.41 15.73
C ARG C 11 24.89 -24.18 14.27
N LYS C 12 24.03 -24.64 13.38
CA LYS C 12 24.28 -24.54 11.94
C LYS C 12 23.61 -23.28 11.42
N GLY C 13 24.39 -22.37 10.85
CA GLY C 13 23.87 -21.12 10.34
C GLY C 13 23.66 -21.17 8.84
N ILE C 14 22.57 -20.56 8.38
CA ILE C 14 22.21 -20.44 6.96
C ILE C 14 22.10 -18.97 6.61
N ILE C 15 22.77 -18.55 5.54
CA ILE C 15 22.61 -17.21 4.98
C ILE C 15 21.83 -17.35 3.69
N LEU C 16 20.64 -16.78 3.67
CA LEU C 16 19.80 -16.83 2.48
C LEU C 16 20.13 -15.60 1.65
N ALA C 17 20.87 -15.81 0.57
CA ALA C 17 21.39 -14.75 -0.27
C ALA C 17 21.03 -15.01 -1.71
N GLY C 18 19.79 -15.41 -1.96
CA GLY C 18 19.30 -15.73 -3.29
C GLY C 18 18.56 -14.58 -3.93
N GLY C 19 17.60 -14.92 -4.80
CA GLY C 19 17.09 -13.96 -5.76
C GLY C 19 16.22 -12.91 -5.15
N SER C 20 16.69 -11.65 -5.17
CA SER C 20 15.97 -10.49 -4.67
C SER C 20 14.96 -9.93 -5.66
N GLY C 21 14.96 -10.43 -6.90
CA GLY C 21 14.06 -9.89 -7.89
C GLY C 21 14.61 -8.60 -8.50
N THR C 22 13.70 -7.81 -9.05
CA THR C 22 14.06 -6.65 -9.84
C THR C 22 13.78 -5.32 -9.15
N ARG C 23 13.43 -5.34 -7.86
CA ARG C 23 13.09 -4.10 -7.18
C ARG C 23 14.17 -3.03 -7.36
N LEU C 24 15.44 -3.44 -7.33
CA LEU C 24 16.54 -2.49 -7.42
C LEU C 24 17.09 -2.31 -8.83
N TYR C 25 16.39 -2.79 -9.86
CA TYR C 25 16.87 -2.67 -11.24
C TYR C 25 17.29 -1.24 -11.56
N PRO C 26 18.41 -1.04 -12.29
CA PRO C 26 19.27 -2.07 -12.90
C PRO C 26 20.52 -2.46 -12.14
N ILE C 27 20.70 -2.02 -10.90
CA ILE C 27 21.97 -2.33 -10.24
C ILE C 27 22.12 -3.81 -9.94
N THR C 28 21.02 -4.58 -9.89
CA THR C 28 21.07 -6.02 -9.63
C THR C 28 20.86 -6.83 -10.90
N HIS C 29 20.99 -6.21 -12.07
CA HIS C 29 20.60 -6.88 -13.31
C HIS C 29 21.47 -8.09 -13.59
N VAL C 30 22.77 -7.99 -13.29
CA VAL C 30 23.71 -9.09 -13.53
C VAL C 30 24.53 -9.44 -12.29
N VAL C 31 24.34 -8.76 -11.17
CA VAL C 31 25.07 -9.03 -9.94
C VAL C 31 24.08 -9.13 -8.80
N SER C 32 24.19 -10.20 -8.00
CA SER C 32 23.30 -10.37 -6.87
C SER C 32 23.50 -9.24 -5.86
N LYS C 33 22.39 -8.83 -5.24
CA LYS C 33 22.42 -7.70 -4.32
C LYS C 33 23.44 -7.91 -3.20
N GLN C 34 23.50 -9.13 -2.67
CA GLN C 34 24.37 -9.40 -1.53
C GLN C 34 25.84 -9.39 -1.90
N LEU C 35 26.16 -9.23 -3.20
CA LEU C 35 27.54 -8.98 -3.62
C LEU C 35 27.88 -7.51 -3.70
N LEU C 36 26.89 -6.63 -3.58
CA LEU C 36 27.15 -5.22 -3.77
C LEU C 36 27.70 -4.60 -2.49
N PRO C 37 28.41 -3.48 -2.60
CA PRO C 37 29.09 -2.91 -1.43
C PRO C 37 28.12 -2.17 -0.53
N VAL C 38 28.33 -2.31 0.78
CA VAL C 38 27.81 -1.38 1.77
C VAL C 38 29.02 -0.65 2.34
N TYR C 39 29.33 0.54 1.79
CA TYR C 39 30.51 1.36 2.07
C TYR C 39 31.79 0.70 1.59
N ASP C 40 32.40 -0.12 2.45
CA ASP C 40 33.77 -0.59 2.24
C ASP C 40 33.90 -2.11 2.16
N LYS C 41 32.81 -2.85 2.06
CA LYS C 41 32.87 -4.30 2.00
C LYS C 41 31.60 -4.83 1.36
N PRO C 42 31.64 -6.04 0.80
CA PRO C 42 30.42 -6.62 0.21
C PRO C 42 29.35 -6.78 1.29
N MET C 43 28.10 -6.60 0.86
CA MET C 43 26.95 -6.62 1.75
C MET C 43 26.94 -7.87 2.64
N ILE C 44 27.25 -9.03 2.05
CA ILE C 44 27.09 -10.29 2.78
C ILE C 44 28.07 -10.38 3.94
N TYR C 45 29.12 -9.56 3.95
CA TYR C 45 30.03 -9.54 5.10
C TYR C 45 29.28 -9.24 6.40
N TYR C 46 28.22 -8.41 6.32
CA TYR C 46 27.53 -7.99 7.55
C TYR C 46 26.76 -9.16 8.18
N PRO C 47 25.80 -9.81 7.48
CA PRO C 47 25.12 -10.95 8.11
C PRO C 47 26.04 -12.12 8.39
N LEU C 48 27.08 -12.33 7.59
CA LEU C 48 28.09 -13.31 7.96
C LEU C 48 28.69 -12.95 9.31
N SER C 49 29.03 -11.67 9.48
CA SER C 49 29.62 -11.22 10.74
C SER C 49 28.66 -11.41 11.90
N THR C 50 27.36 -11.19 11.67
CA THR C 50 26.38 -11.38 12.72
C THR C 50 26.34 -12.83 13.19
N LEU C 51 26.41 -13.78 12.26
CA LEU C 51 26.46 -15.19 12.66
C LEU C 51 27.73 -15.48 13.46
N MET C 52 28.88 -14.94 13.03
CA MET C 52 30.11 -15.21 13.76
C MET C 52 30.04 -14.62 15.17
N VAL C 53 29.48 -13.41 15.30
CA VAL C 53 29.28 -12.78 16.60
C VAL C 53 28.35 -13.62 17.48
N ALA C 54 27.41 -14.36 16.86
CA ALA C 54 26.55 -15.29 17.58
C ALA C 54 27.25 -16.56 18.03
N GLY C 55 28.49 -16.80 17.59
CA GLY C 55 29.23 -18.02 17.89
C GLY C 55 29.13 -19.08 16.81
N ILE C 56 28.41 -18.83 15.73
CA ILE C 56 28.20 -19.84 14.69
C ILE C 56 29.46 -19.93 13.82
N ARG C 57 29.97 -21.15 13.66
CA ARG C 57 31.19 -21.44 12.94
C ARG C 57 30.95 -22.24 11.68
N ASP C 58 29.74 -22.77 11.48
CA ASP C 58 29.38 -23.56 10.32
C ASP C 58 28.26 -22.84 9.61
N VAL C 59 28.52 -22.35 8.40
CA VAL C 59 27.57 -21.48 7.71
C VAL C 59 27.33 -22.07 6.32
N LEU C 60 26.06 -22.18 5.94
CA LEU C 60 25.70 -22.55 4.58
C LEU C 60 25.20 -21.29 3.88
N ILE C 61 25.81 -20.96 2.75
CA ILE C 61 25.38 -19.83 1.95
C ILE C 61 24.50 -20.36 0.84
N ILE C 62 23.25 -19.92 0.80
CA ILE C 62 22.33 -20.25 -0.29
C ILE C 62 22.21 -19.04 -1.19
N SER C 63 22.46 -19.23 -2.49
CA SER C 63 22.33 -18.15 -3.47
C SER C 63 21.74 -18.71 -4.76
N THR C 64 21.63 -17.85 -5.77
CA THR C 64 21.19 -18.34 -7.07
C THR C 64 22.26 -19.26 -7.67
N PRO C 65 21.86 -20.14 -8.60
CA PRO C 65 22.86 -20.92 -9.33
C PRO C 65 23.92 -20.06 -10.01
N GLN C 66 23.53 -18.90 -10.57
CA GLN C 66 24.49 -18.08 -11.31
C GLN C 66 25.56 -17.48 -10.38
N ASP C 67 25.18 -17.12 -9.17
CA ASP C 67 26.08 -16.38 -8.31
C ASP C 67 26.70 -17.22 -7.19
N THR C 68 26.31 -18.49 -7.04
CA THR C 68 26.97 -19.30 -6.02
C THR C 68 28.47 -19.40 -6.28
N PRO C 69 28.96 -19.57 -7.52
CA PRO C 69 30.43 -19.49 -7.72
C PRO C 69 31.02 -18.18 -7.27
N ARG C 70 30.28 -17.07 -7.39
CA ARG C 70 30.81 -15.77 -6.98
C ARG C 70 30.91 -15.68 -5.46
N PHE C 71 29.85 -16.09 -4.76
CA PHE C 71 29.92 -16.11 -3.30
C PHE C 71 31.06 -17.00 -2.83
N GLU C 72 31.26 -18.14 -3.51
CA GLU C 72 32.35 -19.05 -3.14
C GLU C 72 33.71 -18.44 -3.44
N ALA C 73 33.86 -17.73 -4.55
CA ALA C 73 35.15 -17.06 -4.79
C ALA C 73 35.48 -16.07 -3.68
N MET C 74 34.45 -15.46 -3.09
CA MET C 74 34.67 -14.40 -2.12
C MET C 74 35.02 -14.94 -0.74
N LEU C 75 34.36 -16.03 -0.33
CA LEU C 75 34.46 -16.52 1.03
C LEU C 75 35.23 -17.83 1.16
N GLY C 76 35.39 -18.59 0.06
CA GLY C 76 36.11 -19.85 0.19
C GLY C 76 35.35 -20.81 1.08
N ASP C 77 36.09 -21.73 1.70
CA ASP C 77 35.48 -22.68 2.62
C ASP C 77 35.49 -22.16 4.05
N GLY C 78 35.93 -20.93 4.27
CA GLY C 78 35.93 -20.31 5.57
C GLY C 78 37.07 -20.73 6.50
N SER C 79 37.91 -21.69 6.12
CA SER C 79 38.95 -22.15 7.03
C SER C 79 39.97 -21.06 7.32
N GLN C 80 40.09 -20.06 6.44
CA GLN C 80 40.97 -18.94 6.72
C GLN C 80 40.51 -18.13 7.92
N TRP C 81 39.25 -18.30 8.34
CA TRP C 81 38.72 -17.69 9.55
C TRP C 81 38.38 -18.72 10.62
N GLY C 82 38.97 -19.90 10.53
CA GLY C 82 38.64 -20.97 11.46
C GLY C 82 37.18 -21.36 11.40
N MET C 83 36.55 -21.17 10.26
CA MET C 83 35.15 -21.52 10.07
C MET C 83 35.03 -22.62 9.03
N ASN C 84 33.81 -23.10 8.88
CA ASN C 84 33.46 -24.05 7.82
C ASN C 84 32.29 -23.46 7.05
N ILE C 85 32.51 -23.07 5.80
CA ILE C 85 31.48 -22.46 4.97
C ILE C 85 31.20 -23.35 3.76
N GLN C 86 29.94 -23.71 3.59
CA GLN C 86 29.51 -24.51 2.46
C GLN C 86 28.51 -23.70 1.64
N TYR C 87 28.17 -24.23 0.46
CA TYR C 87 27.35 -23.52 -0.51
C TYR C 87 26.24 -24.43 -1.02
N ALA C 88 25.12 -23.82 -1.37
CA ALA C 88 23.98 -24.49 -1.99
C ALA C 88 23.23 -23.46 -2.83
N VAL C 89 22.45 -23.93 -3.79
CA VAL C 89 21.77 -23.01 -4.69
C VAL C 89 20.26 -23.06 -4.47
N GLN C 90 19.61 -21.93 -4.75
CA GLN C 90 18.15 -21.85 -4.82
C GLN C 90 17.76 -21.48 -6.23
N PRO C 91 17.28 -22.42 -7.05
CA PRO C 91 16.91 -22.08 -8.44
C PRO C 91 15.81 -21.04 -8.52
N SER C 92 14.81 -21.14 -7.63
CA SER C 92 13.69 -20.20 -7.60
C SER C 92 13.47 -19.67 -6.20
N PRO C 93 13.17 -18.37 -6.05
CA PRO C 93 12.97 -17.78 -4.69
C PRO C 93 11.58 -18.06 -4.12
N ASP C 94 11.41 -19.27 -3.62
CA ASP C 94 10.09 -19.79 -3.28
C ASP C 94 9.77 -19.63 -1.80
N GLY C 95 10.54 -18.84 -1.07
CA GLY C 95 10.19 -18.53 0.30
C GLY C 95 11.32 -18.78 1.27
N LEU C 96 11.39 -17.93 2.30
CA LEU C 96 12.42 -18.06 3.33
C LEU C 96 12.47 -19.46 3.92
N ALA C 97 11.30 -20.07 4.13
CA ALA C 97 11.30 -21.38 4.77
C ALA C 97 11.95 -22.47 3.92
N GLN C 98 12.01 -22.29 2.59
CA GLN C 98 12.72 -23.22 1.71
C GLN C 98 14.20 -23.33 2.09
N ALA C 99 14.74 -22.39 2.88
CA ALA C 99 16.11 -22.51 3.34
C ALA C 99 16.33 -23.79 4.14
N PHE C 100 15.31 -24.23 4.88
CA PHE C 100 15.43 -25.41 5.72
C PHE C 100 15.12 -26.71 4.98
N ILE C 101 14.65 -26.62 3.73
CA ILE C 101 14.61 -27.77 2.85
C ILE C 101 15.93 -27.93 2.10
N ILE C 102 16.37 -26.86 1.42
CA ILE C 102 17.67 -26.88 0.76
C ILE C 102 18.77 -27.22 1.75
N GLY C 103 18.71 -26.66 2.94
CA GLY C 103 19.71 -26.90 3.96
C GLY C 103 19.40 -27.99 4.94
N ARG C 104 18.49 -28.91 4.60
CA ARG C 104 18.13 -29.96 5.55
C ARG C 104 19.32 -30.83 5.90
N GLU C 105 20.07 -31.29 4.88
CA GLU C 105 21.24 -32.12 5.13
C GLU C 105 22.27 -31.40 5.99
N PHE C 106 22.53 -30.13 5.67
CA PHE C 106 23.53 -29.36 6.39
C PHE C 106 23.16 -29.24 7.86
N VAL C 107 21.89 -28.96 8.13
CA VAL C 107 21.43 -28.79 9.51
C VAL C 107 21.48 -30.11 10.25
N GLY C 108 21.06 -31.21 9.60
CA GLY C 108 21.05 -32.49 10.29
C GLY C 108 20.12 -32.40 11.47
N ASN C 109 20.64 -32.85 12.63
CA ASN C 109 19.88 -32.85 13.88
C ASN C 109 20.25 -31.68 14.79
N ASP C 110 21.05 -30.77 14.30
CA ASP C 110 21.56 -29.70 15.12
C ASP C 110 20.57 -28.54 15.20
N PRO C 111 20.72 -27.66 16.18
CA PRO C 111 20.01 -26.38 16.13
C PRO C 111 20.51 -25.60 14.93
N SER C 112 19.80 -24.52 14.60
CA SER C 112 20.17 -23.76 13.42
C SER C 112 19.83 -22.28 13.62
N ALA C 113 20.29 -21.47 12.69
CA ALA C 113 19.93 -20.06 12.60
C ALA C 113 19.86 -19.71 11.13
N LEU C 114 18.86 -18.91 10.76
CA LEU C 114 18.72 -18.37 9.41
C LEU C 114 18.83 -16.85 9.48
N ILE C 115 19.63 -16.27 8.59
CA ILE C 115 19.71 -14.82 8.43
C ILE C 115 19.67 -14.49 6.95
N LEU C 116 19.08 -13.34 6.62
CA LEU C 116 19.03 -12.91 5.22
C LEU C 116 20.35 -12.25 4.83
N GLY C 117 20.82 -12.54 3.61
CA GLY C 117 22.07 -12.03 3.08
C GLY C 117 22.12 -10.53 2.87
N ASP C 118 21.00 -9.83 3.02
CA ASP C 118 20.97 -8.39 2.85
C ASP C 118 20.53 -7.66 4.12
N ASN C 119 20.56 -8.34 5.28
CA ASN C 119 20.15 -7.74 6.55
C ASN C 119 21.38 -7.34 7.36
N ILE C 120 21.45 -6.07 7.77
CA ILE C 120 22.53 -5.56 8.60
C ILE C 120 22.00 -5.38 10.01
N PHE C 121 22.71 -5.94 10.99
CA PHE C 121 22.39 -5.79 12.40
C PHE C 121 23.55 -5.11 13.11
N TYR C 122 23.29 -4.04 13.85
CA TYR C 122 24.36 -3.36 14.58
C TYR C 122 23.83 -2.77 15.86
N GLY C 123 24.61 -2.92 16.94
CA GLY C 123 24.30 -2.23 18.17
C GLY C 123 25.02 -2.83 19.36
N HIS C 124 24.99 -2.09 20.45
CA HIS C 124 25.64 -2.51 21.67
C HIS C 124 24.95 -3.73 22.28
N ASP C 125 25.76 -4.67 22.77
CA ASP C 125 25.31 -5.89 23.43
C ASP C 125 24.54 -6.80 22.50
N LEU C 126 24.66 -6.56 21.21
CA LEU C 126 24.05 -7.46 20.26
C LEU C 126 24.53 -8.89 20.48
N ALA C 127 25.82 -9.04 20.78
CA ALA C 127 26.40 -10.35 21.01
C ALA C 127 25.72 -11.05 22.18
N LYS C 128 25.47 -10.34 23.28
CA LYS C 128 24.84 -10.97 24.43
C LYS C 128 23.45 -11.47 24.08
N GLN C 129 22.72 -10.68 23.29
CA GLN C 129 21.40 -11.09 22.86
C GLN C 129 21.48 -12.29 21.92
N LEU C 130 22.44 -12.31 20.99
CA LEU C 130 22.52 -13.47 20.10
C LEU C 130 23.04 -14.71 20.82
N GLU C 131 23.98 -14.53 21.75
CA GLU C 131 24.44 -15.68 22.54
C GLU C 131 23.33 -16.23 23.42
N ARG C 132 22.43 -15.38 23.92
CA ARG C 132 21.29 -15.89 24.67
C ARG C 132 20.39 -16.75 23.79
N ALA C 133 20.15 -16.31 22.55
CA ALA C 133 19.36 -17.14 21.64
C ALA C 133 20.09 -18.43 21.27
N ASN C 134 21.39 -18.35 21.00
CA ASN C 134 22.14 -19.55 20.64
C ASN C 134 22.10 -20.58 21.75
N ALA C 135 22.00 -20.13 23.01
CA ALA C 135 22.02 -21.04 24.16
C ALA C 135 20.69 -21.77 24.38
N ARG C 136 19.57 -21.24 23.88
CA ARG C 136 18.31 -21.94 24.01
CA ARG C 136 18.31 -21.95 24.02
C ARG C 136 18.39 -23.32 23.36
N THR C 137 18.07 -24.35 24.14
CA THR C 137 18.14 -25.72 23.66
C THR C 137 16.87 -26.18 22.98
N ASP C 138 15.75 -25.51 23.24
CA ASP C 138 14.46 -25.90 22.69
C ASP C 138 13.71 -24.64 22.30
N GLY C 139 12.76 -24.81 21.39
CA GLY C 139 12.00 -23.68 20.93
C GLY C 139 12.73 -22.84 19.88
N ALA C 140 12.31 -21.58 19.79
CA ALA C 140 12.79 -20.65 18.77
C ALA C 140 12.88 -19.24 19.35
N THR C 141 13.71 -18.41 18.72
CA THR C 141 13.83 -17.00 19.07
C THR C 141 13.81 -16.15 17.80
N VAL C 142 12.90 -15.19 17.73
CA VAL C 142 12.91 -14.19 16.67
C VAL C 142 12.94 -12.83 17.32
N PHE C 143 13.19 -11.80 16.50
CA PHE C 143 13.35 -10.45 17.03
C PHE C 143 12.41 -9.49 16.32
N ALA C 144 11.85 -8.58 17.11
CA ALA C 144 10.87 -7.62 16.64
C ALA C 144 11.46 -6.22 16.72
N TYR C 145 11.25 -5.44 15.68
CA TYR C 145 11.94 -4.17 15.53
C TYR C 145 10.97 -3.14 14.97
N HIS C 146 10.93 -1.98 15.60
CA HIS C 146 10.00 -0.91 15.22
C HIS C 146 10.47 -0.21 13.95
N VAL C 147 9.65 -0.27 12.91
CA VAL C 147 9.94 0.34 11.63
C VAL C 147 8.76 1.23 11.22
N HIS C 148 9.01 2.14 10.28
CA HIS C 148 7.92 2.99 9.83
C HIS C 148 6.98 2.27 8.84
N ASP C 149 7.42 1.17 8.21
CA ASP C 149 6.64 0.44 7.20
C ASP C 149 6.42 -1.02 7.59
N PRO C 150 5.74 -1.28 8.71
CA PRO C 150 5.58 -2.68 9.12
C PRO C 150 4.88 -3.54 8.09
N GLU C 151 4.02 -2.95 7.27
CA GLU C 151 3.15 -3.71 6.37
C GLU C 151 3.91 -4.51 5.31
N ARG C 152 5.21 -4.30 5.12
CA ARG C 152 5.93 -5.14 4.16
C ARG C 152 6.65 -6.31 4.81
N TYR C 153 6.36 -6.61 6.07
CA TYR C 153 7.05 -7.64 6.84
C TYR C 153 6.04 -8.53 7.56
N GLY C 154 6.57 -9.59 8.18
CA GLY C 154 5.85 -10.20 9.29
C GLY C 154 5.77 -9.21 10.43
N VAL C 155 4.56 -9.02 10.97
CA VAL C 155 4.25 -8.01 11.98
C VAL C 155 3.83 -8.70 13.27
N VAL C 156 4.38 -8.23 14.40
CA VAL C 156 4.05 -8.81 15.71
C VAL C 156 2.83 -8.10 16.29
N GLU C 157 1.84 -8.86 16.76
CA GLU C 157 0.78 -8.30 17.57
C GLU C 157 1.18 -8.44 19.04
N PHE C 158 1.20 -7.32 19.78
CA PHE C 158 1.64 -7.27 21.17
C PHE C 158 0.49 -6.93 22.10
N ASP C 159 0.40 -7.63 23.24
CA ASP C 159 -0.58 -7.16 24.21
C ASP C 159 0.00 -5.97 24.94
N LYS C 160 -0.74 -5.42 25.90
CA LYS C 160 -0.32 -4.18 26.54
C LYS C 160 1.06 -4.32 27.18
N ASP C 161 1.43 -5.54 27.58
CA ASP C 161 2.71 -5.79 28.23
C ASP C 161 3.74 -6.34 27.25
N PHE C 162 3.51 -6.16 25.95
CA PHE C 162 4.43 -6.56 24.89
C PHE C 162 4.70 -8.06 24.91
N ARG C 163 3.71 -8.85 25.30
CA ARG C 163 3.73 -10.28 24.99
C ARG C 163 3.19 -10.48 23.58
N ALA C 164 3.90 -11.27 22.79
CA ALA C 164 3.52 -11.51 21.40
C ALA C 164 2.29 -12.40 21.34
N LEU C 165 1.27 -11.95 20.64
CA LEU C 165 0.04 -12.73 20.51
C LEU C 165 -0.11 -13.41 19.16
N SER C 166 0.49 -12.86 18.11
CA SER C 166 0.37 -13.40 16.76
C SER C 166 1.40 -12.72 15.88
N ILE C 167 1.67 -13.35 14.73
CA ILE C 167 2.51 -12.81 13.67
C ILE C 167 1.74 -12.95 12.37
N GLU C 168 1.54 -11.84 11.67
CA GLU C 168 0.85 -11.85 10.38
C GLU C 168 1.80 -11.33 9.31
N GLU C 169 1.89 -12.05 8.19
CA GLU C 169 2.75 -11.68 7.08
C GLU C 169 2.10 -10.61 6.22
N LYS C 170 2.71 -9.44 6.13
CA LYS C 170 2.23 -8.35 5.29
C LYS C 170 0.76 -8.01 5.51
N PRO C 171 0.39 -7.61 6.73
CA PRO C 171 -1.02 -7.30 7.01
C PRO C 171 -1.46 -6.01 6.33
N ALA C 172 -2.73 -6.00 5.92
CA ALA C 172 -3.34 -4.77 5.42
C ALA C 172 -3.40 -3.73 6.53
N LYS C 173 -3.82 -4.15 7.72
CA LYS C 173 -3.88 -3.31 8.90
C LYS C 173 -2.91 -3.87 9.95
N PRO C 174 -1.67 -3.39 9.98
CA PRO C 174 -0.68 -3.96 10.93
C PRO C 174 -1.08 -3.75 12.38
N ARG C 175 -0.99 -4.83 13.18
CA ARG C 175 -1.35 -4.76 14.61
C ARG C 175 -0.36 -3.91 15.41
N SER C 176 0.85 -3.71 14.89
CA SER C 176 1.83 -2.82 15.51
C SER C 176 2.81 -2.40 14.43
N ASN C 177 3.82 -1.63 14.83
CA ASN C 177 4.90 -1.26 13.94
C ASN C 177 6.11 -2.18 14.07
N TYR C 178 6.01 -3.25 14.86
CA TYR C 178 7.14 -4.13 15.12
C TYR C 178 7.19 -5.21 14.05
N ALA C 179 8.25 -5.18 13.25
CA ALA C 179 8.51 -6.20 12.25
C ALA C 179 9.41 -7.27 12.81
N VAL C 180 9.21 -8.49 12.32
CA VAL C 180 10.11 -9.60 12.61
C VAL C 180 11.37 -9.42 11.78
N THR C 181 12.52 -9.30 12.44
CA THR C 181 13.75 -9.08 11.69
C THR C 181 14.12 -10.35 10.94
N GLY C 182 15.08 -10.22 10.01
CA GLY C 182 15.54 -11.33 9.18
C GLY C 182 16.60 -12.22 9.80
N LEU C 183 16.43 -12.58 11.06
CA LEU C 183 17.37 -13.43 11.78
C LEU C 183 16.54 -14.31 12.71
N TYR C 184 16.72 -15.63 12.61
CA TYR C 184 15.83 -16.54 13.31
C TYR C 184 16.65 -17.67 13.91
N PHE C 185 16.42 -17.97 15.19
CA PHE C 185 17.06 -19.10 15.87
C PHE C 185 16.06 -20.25 16.08
N TYR C 186 16.51 -21.49 15.83
CA TYR C 186 15.63 -22.65 15.91
C TYR C 186 16.28 -23.86 16.59
N ASP C 187 15.42 -24.70 17.17
CA ASP C 187 15.82 -26.01 17.64
C ASP C 187 15.72 -27.00 16.48
N ASN C 188 15.87 -28.29 16.75
CA ASN C 188 15.94 -29.28 15.68
C ASN C 188 14.58 -29.64 15.08
N GLN C 189 13.53 -28.88 15.37
CA GLN C 189 12.23 -29.15 14.76
C GLN C 189 12.02 -28.44 13.42
N VAL C 190 12.77 -27.38 13.12
CA VAL C 190 12.38 -26.45 12.06
C VAL C 190 12.41 -27.10 10.69
N CYS C 191 13.38 -27.98 10.43
CA CYS C 191 13.45 -28.65 9.14
C CYS C 191 12.18 -29.45 8.87
N ASP C 192 11.72 -30.22 9.86
CA ASP C 192 10.49 -30.98 9.66
C ASP C 192 9.27 -30.05 9.59
N ILE C 193 9.26 -29.00 10.42
CA ILE C 193 8.18 -28.02 10.32
C ILE C 193 8.16 -27.40 8.93
N ALA C 194 9.32 -26.97 8.45
CA ALA C 194 9.39 -26.37 7.12
C ALA C 194 8.96 -27.33 6.03
N ALA C 195 9.25 -28.62 6.19
CA ALA C 195 8.91 -29.58 5.15
C ALA C 195 7.41 -29.85 5.04
N ASP C 196 6.63 -29.52 6.07
CA ASP C 196 5.19 -29.79 6.07
C ASP C 196 4.32 -28.64 5.59
N ILE C 197 4.80 -27.40 5.64
CA ILE C 197 3.91 -26.29 5.32
C ILE C 197 3.73 -26.15 3.81
N LYS C 198 2.63 -25.53 3.44
CA LYS C 198 2.19 -25.33 2.08
C LYS C 198 2.40 -23.89 1.63
N PRO C 199 2.65 -23.65 0.33
CA PRO C 199 2.82 -22.28 -0.15
C PRO C 199 1.61 -21.43 0.20
N SER C 200 1.86 -20.17 0.47
CA SER C 200 0.81 -19.23 0.77
C SER C 200 0.23 -18.72 -0.54
N ALA C 201 -0.75 -17.80 -0.44
CA ALA C 201 -1.34 -17.24 -1.65
C ALA C 201 -0.30 -16.57 -2.54
N ARG C 202 0.71 -15.92 -1.97
CA ARG C 202 1.69 -15.33 -2.85
C ARG C 202 2.68 -16.35 -3.42
N GLY C 203 2.47 -17.64 -3.15
CA GLY C 203 3.29 -18.68 -3.74
C GLY C 203 4.61 -18.91 -3.04
N GLU C 204 4.71 -18.58 -1.76
CA GLU C 204 5.98 -18.72 -1.05
C GLU C 204 5.80 -19.54 0.22
N LEU C 205 6.86 -20.26 0.57
CA LEU C 205 6.95 -20.95 1.85
C LEU C 205 7.34 -19.94 2.92
N GLU C 206 6.42 -19.64 3.83
CA GLU C 206 6.50 -18.45 4.68
C GLU C 206 7.21 -18.76 5.98
N ILE C 207 8.27 -18.00 6.30
CA ILE C 207 8.89 -18.14 7.61
C ILE C 207 7.89 -17.76 8.69
N THR C 208 6.97 -16.86 8.39
CA THR C 208 5.94 -16.49 9.35
C THR C 208 5.12 -17.71 9.79
N ASP C 209 4.86 -18.66 8.89
CA ASP C 209 4.16 -19.89 9.30
C ASP C 209 5.03 -20.77 10.18
N VAL C 210 6.32 -20.86 9.88
CA VAL C 210 7.23 -21.53 10.80
C VAL C 210 7.15 -20.88 12.18
N ASN C 211 7.24 -19.55 12.22
CA ASN C 211 7.30 -18.87 13.51
C ASN C 211 5.99 -19.03 14.26
N SER C 212 4.87 -18.99 13.55
CA SER C 212 3.58 -19.10 14.19
C SER C 212 3.35 -20.48 14.78
N ARG C 213 3.96 -21.51 14.19
CA ARG C 213 3.86 -22.86 14.76
C ARG C 213 4.52 -22.89 16.14
N TYR C 214 5.72 -22.33 16.25
CA TYR C 214 6.37 -22.21 17.55
C TYR C 214 5.56 -21.33 18.49
N LEU C 215 5.02 -20.22 17.99
CA LEU C 215 4.26 -19.33 18.84
C LEU C 215 3.03 -20.04 19.40
N SER C 216 2.29 -20.76 18.56
CA SER C 216 1.13 -21.48 19.07
C SER C 216 1.52 -22.60 20.01
N GLN C 217 2.72 -23.18 19.86
CA GLN C 217 3.23 -24.17 20.79
C GLN C 217 3.85 -23.55 22.03
N LYS C 218 3.85 -22.22 22.14
CA LYS C 218 4.38 -21.51 23.31
C LYS C 218 5.88 -21.72 23.51
N THR C 219 6.60 -21.98 22.41
CA THR C 219 8.03 -22.16 22.45
C THR C 219 8.74 -21.10 21.62
N LEU C 220 8.01 -20.07 21.17
CA LEU C 220 8.61 -18.96 20.47
C LEU C 220 8.91 -17.84 21.47
N ASP C 221 10.19 -17.49 21.57
CA ASP C 221 10.61 -16.30 22.27
C ASP C 221 10.69 -15.18 21.26
N VAL C 222 9.89 -14.14 21.47
CA VAL C 222 9.91 -12.94 20.65
C VAL C 222 10.55 -11.85 21.50
N GLU C 223 11.76 -11.45 21.13
CA GLU C 223 12.50 -10.42 21.85
C GLU C 223 12.48 -9.10 21.09
N ILE C 224 12.24 -8.01 21.83
CA ILE C 224 12.32 -6.69 21.21
C ILE C 224 13.78 -6.36 20.94
N MET C 225 14.08 -5.97 19.71
CA MET C 225 15.35 -5.34 19.38
C MET C 225 15.08 -3.84 19.43
N GLY C 226 15.57 -3.17 20.47
CA GLY C 226 15.18 -1.81 20.74
C GLY C 226 15.72 -0.83 19.72
N ARG C 227 15.27 0.43 19.82
CA ARG C 227 15.65 1.47 18.88
C ARG C 227 17.10 1.86 19.02
N GLY C 228 17.80 1.40 20.07
CA GLY C 228 19.23 1.66 20.13
C GLY C 228 20.02 0.87 19.12
N TYR C 229 19.40 -0.12 18.47
CA TYR C 229 19.99 -0.97 17.46
C TYR C 229 19.68 -0.45 16.07
N ALA C 230 20.57 -0.76 15.14
CA ALA C 230 20.26 -0.60 13.73
C ALA C 230 19.95 -1.98 13.17
N TRP C 231 18.75 -2.14 12.61
CA TRP C 231 18.43 -3.27 11.75
C TRP C 231 18.12 -2.69 10.39
N LEU C 232 19.06 -2.85 9.46
CA LEU C 232 18.94 -2.24 8.15
C LEU C 232 18.88 -3.34 7.10
N ASP C 233 17.82 -3.33 6.32
CA ASP C 233 17.90 -4.00 5.04
C ASP C 233 17.99 -2.88 4.02
N THR C 234 17.97 -3.25 2.79
CA THR C 234 18.30 -2.30 1.77
C THR C 234 17.35 -2.52 0.61
N GLY C 235 16.06 -2.21 0.85
CA GLY C 235 15.03 -2.46 -0.13
C GLY C 235 14.90 -1.40 -1.21
N THR C 236 15.56 -0.25 -1.03
CA THR C 236 15.55 0.81 -2.03
C THR C 236 16.97 1.30 -2.25
N HIS C 237 17.14 2.00 -3.37
CA HIS C 237 18.41 2.65 -3.67
C HIS C 237 18.81 3.62 -2.55
N ASP C 238 17.86 4.42 -2.05
CA ASP C 238 18.17 5.41 -1.02
C ASP C 238 18.69 4.76 0.25
N SER C 239 17.97 3.75 0.73
CA SER C 239 18.33 3.13 1.99
C SER C 239 19.60 2.30 1.87
N LEU C 240 19.97 1.87 0.65
CA LEU C 240 21.28 1.29 0.45
C LEU C 240 22.38 2.33 0.65
N ILE C 241 22.19 3.53 0.08
CA ILE C 241 23.13 4.61 0.34
C ILE C 241 23.14 4.95 1.83
N GLU C 242 21.97 5.05 2.44
CA GLU C 242 21.89 5.44 3.85
C GLU C 242 22.59 4.42 4.73
N ALA C 243 22.45 3.14 4.40
CA ALA C 243 23.16 2.12 5.14
C ALA C 243 24.66 2.30 5.03
N ALA C 244 25.15 2.66 3.84
CA ALA C 244 26.59 2.84 3.66
C ALA C 244 27.12 4.04 4.44
N THR C 245 26.41 5.17 4.41
CA THR C 245 26.89 6.36 5.13
C THR C 245 26.82 6.15 6.64
N PHE C 246 25.86 5.34 7.09
CA PHE C 246 25.73 4.99 8.50
C PHE C 246 26.98 4.26 8.99
N ILE C 247 27.36 3.19 8.27
CA ILE C 247 28.58 2.46 8.56
C ILE C 247 29.79 3.39 8.49
N ALA C 248 29.85 4.24 7.47
CA ALA C 248 31.02 5.11 7.29
C ALA C 248 31.19 6.08 8.46
N THR C 249 30.08 6.62 8.97
CA THR C 249 30.17 7.54 10.10
C THR C 249 30.79 6.84 11.30
N LEU C 250 30.36 5.61 11.58
CA LEU C 250 30.88 4.88 12.73
C LEU C 250 32.34 4.50 12.54
N GLN C 251 32.68 3.96 11.36
CA GLN C 251 34.06 3.54 11.17
C GLN C 251 35.00 4.73 11.19
N LYS C 252 34.64 5.83 10.53
CA LYS C 252 35.54 6.97 10.53
C LYS C 252 35.72 7.52 11.93
N ARG C 253 34.64 7.56 12.71
CA ARG C 253 34.72 8.08 14.07
C ARG C 253 35.56 7.18 14.96
N GLN C 254 35.41 5.87 14.85
CA GLN C 254 36.00 4.98 15.83
C GLN C 254 37.45 4.57 15.52
N GLY C 255 37.88 4.65 14.27
CA GLY C 255 39.07 3.92 13.87
C GLY C 255 38.90 2.40 13.86
N LEU C 256 37.66 1.91 13.88
CA LEU C 256 37.34 0.49 13.89
C LEU C 256 36.44 0.20 12.70
N VAL C 257 36.39 -1.06 12.31
CA VAL C 257 35.63 -1.50 11.15
C VAL C 257 34.44 -2.30 11.62
N VAL C 258 33.28 -2.05 11.02
CA VAL C 258 32.10 -2.85 11.28
C VAL C 258 32.14 -4.08 10.38
N ALA C 259 31.88 -5.24 10.97
CA ALA C 259 31.68 -6.50 10.24
C ALA C 259 32.93 -6.90 9.44
N CYS C 260 34.06 -6.92 10.15
CA CYS C 260 35.32 -7.45 9.64
C CYS C 260 35.43 -8.87 10.14
N PRO C 261 35.23 -9.88 9.29
CA PRO C 261 35.27 -11.27 9.80
C PRO C 261 36.62 -11.66 10.37
N GLU C 262 37.71 -11.23 9.76
CA GLU C 262 39.03 -11.54 10.29
C GLU C 262 39.15 -11.07 11.75
N GLU C 263 38.66 -9.86 12.05
CA GLU C 263 38.73 -9.38 13.42
C GLU C 263 37.91 -10.26 14.35
N ILE C 264 36.69 -10.61 13.94
CA ILE C 264 35.85 -11.40 14.82
C ILE C 264 36.50 -12.76 15.03
N ALA C 265 36.96 -13.38 13.95
CA ALA C 265 37.65 -14.66 14.04
C ALA C 265 38.86 -14.54 14.96
N TYR C 266 39.60 -13.43 14.86
CA TYR C 266 40.76 -13.24 15.73
C TYR C 266 40.34 -13.09 17.19
N ARG C 267 39.31 -12.28 17.46
CA ARG C 267 38.91 -12.05 18.84
C ARG C 267 38.29 -13.30 19.46
N ARG C 268 37.61 -14.11 18.67
CA ARG C 268 37.09 -15.36 19.19
C ARG C 268 38.14 -16.47 19.21
N LYS C 269 39.38 -16.16 18.81
CA LYS C 269 40.49 -17.12 18.83
C LYS C 269 40.24 -18.31 17.93
N TRP C 270 39.40 -18.13 16.91
CA TRP C 270 39.27 -19.14 15.87
C TRP C 270 40.50 -19.14 14.97
N ILE C 271 41.18 -18.00 14.86
CA ILE C 271 42.50 -17.91 14.24
C ILE C 271 43.38 -17.13 15.21
N ASN C 272 44.69 -17.41 15.17
CA ASN C 272 45.63 -16.77 16.07
C ASN C 272 46.34 -15.62 15.35
N ALA C 273 47.26 -14.98 16.07
CA ALA C 273 47.93 -13.81 15.53
C ALA C 273 48.74 -14.15 14.28
N GLU C 274 49.43 -15.29 14.29
CA GLU C 274 50.19 -15.68 13.11
C GLU C 274 49.27 -15.94 11.91
N GLN C 275 48.12 -16.58 12.14
CA GLN C 275 47.20 -16.82 11.03
C GLN C 275 46.62 -15.51 10.51
N LEU C 276 46.31 -14.57 11.41
CA LEU C 276 45.84 -13.25 10.97
C LEU C 276 46.92 -12.52 10.17
N LEU C 277 48.16 -12.53 10.67
CA LEU C 277 49.25 -11.89 9.92
C LEU C 277 49.39 -12.48 8.51
N ALA C 278 49.26 -13.80 8.38
CA ALA C 278 49.35 -14.40 7.05
C ALA C 278 48.23 -13.87 6.15
N LEU C 279 47.05 -13.63 6.70
CA LEU C 279 46.00 -12.98 5.91
C LEU C 279 46.38 -11.53 5.59
N ALA C 280 47.01 -10.84 6.56
CA ALA C 280 47.25 -9.40 6.39
C ALA C 280 48.41 -9.08 5.45
N ARG C 281 49.48 -9.87 5.45
CA ARG C 281 50.66 -9.47 4.68
C ARG C 281 50.39 -9.24 3.19
N PRO C 282 49.74 -10.15 2.46
CA PRO C 282 49.50 -9.87 1.04
C PRO C 282 48.52 -8.74 0.79
N LEU C 283 47.73 -8.34 1.78
CA LEU C 283 46.85 -7.20 1.63
C LEU C 283 47.42 -5.93 2.23
N SER C 284 48.71 -5.95 2.61
CA SER C 284 49.28 -4.86 3.40
C SER C 284 49.31 -3.52 2.66
N LYS C 285 49.15 -3.53 1.34
CA LYS C 285 49.19 -2.29 0.59
C LYS C 285 47.84 -1.59 0.53
N ASN C 286 46.78 -2.22 1.01
CA ASN C 286 45.47 -1.57 1.02
C ASN C 286 45.04 -1.33 2.46
N ALA C 287 43.99 -0.51 2.62
CA ALA C 287 43.59 -0.11 3.96
C ALA C 287 43.04 -1.27 4.76
N TYR C 288 42.43 -2.25 4.10
CA TYR C 288 41.86 -3.39 4.81
C TYR C 288 42.96 -4.25 5.42
N GLY C 289 44.00 -4.54 4.63
CA GLY C 289 45.12 -5.28 5.17
C GLY C 289 45.83 -4.50 6.25
N GLN C 290 45.85 -3.18 6.14
CA GLN C 290 46.46 -2.36 7.17
C GLN C 290 45.64 -2.43 8.44
N TYR C 291 44.31 -2.45 8.31
CA TYR C 291 43.47 -2.59 9.51
C TYR C 291 43.69 -3.94 10.17
N LEU C 292 43.86 -4.99 9.38
CA LEU C 292 44.19 -6.29 9.94
C LEU C 292 45.50 -6.22 10.75
N GLN C 293 46.52 -5.55 10.21
CA GLN C 293 47.75 -5.37 10.97
C GLN C 293 47.50 -4.61 12.26
N ASN C 294 46.63 -3.60 12.23
CA ASN C 294 46.38 -2.76 13.38
C ASN C 294 45.67 -3.54 14.49
N LEU C 295 45.08 -4.70 14.17
CA LEU C 295 44.47 -5.52 15.21
C LEU C 295 45.50 -6.06 16.20
N LEU C 296 46.74 -6.27 15.77
CA LEU C 296 47.72 -6.85 16.69
C LEU C 296 48.37 -5.86 17.63
N THR C 297 48.19 -4.57 17.41
CA THR C 297 48.82 -3.55 18.24
C THR C 297 47.80 -2.71 18.99
N ASP C 298 46.54 -2.73 18.56
CA ASP C 298 45.52 -1.82 19.04
C ASP C 298 44.80 -2.44 20.23
N GLN C 299 44.83 -1.75 21.36
CA GLN C 299 44.17 -2.24 22.56
C GLN C 299 42.67 -1.98 22.45
N VAL C 300 41.91 -3.04 22.20
CA VAL C 300 40.47 -2.93 22.02
C VAL C 300 39.76 -3.85 23.00
N ALA C 301 38.87 -3.27 23.82
CA ALA C 301 38.07 -4.08 24.73
C ALA C 301 37.14 -5.00 23.94
N TRP C 302 37.14 -6.30 24.28
CA TRP C 302 36.27 -7.27 23.66
C TRP C 302 35.75 -8.14 24.77
N PRO C 303 34.41 -8.15 25.06
CA PRO C 303 32.95 -8.14 25.39
C PRO C 303 32.62 -6.85 26.14
N ALA D 10 31.40 8.68 -38.56
CA ALA D 10 30.97 7.66 -37.61
C ALA D 10 32.12 7.30 -36.67
N ARG D 11 32.19 8.00 -35.53
CA ARG D 11 33.29 7.81 -34.59
C ARG D 11 33.12 6.54 -33.77
N LYS D 12 34.24 5.83 -33.58
CA LYS D 12 34.27 4.57 -32.86
C LYS D 12 34.65 4.82 -31.39
N GLY D 13 33.81 4.39 -30.46
CA GLY D 13 34.05 4.58 -29.03
C GLY D 13 34.58 3.34 -28.34
N ILE D 14 35.52 3.56 -27.41
CA ILE D 14 36.09 2.49 -26.60
C ILE D 14 35.88 2.82 -25.12
N ILE D 15 35.26 1.90 -24.38
CA ILE D 15 35.14 2.01 -22.94
C ILE D 15 36.09 1.00 -22.30
N LEU D 16 37.09 1.50 -21.58
CA LEU D 16 38.07 0.66 -20.89
C LEU D 16 37.61 0.42 -19.45
N ALA D 17 37.16 -0.81 -19.17
CA ALA D 17 36.56 -1.22 -17.91
C ALA D 17 37.22 -2.51 -17.39
N GLY D 18 38.55 -2.56 -17.42
CA GLY D 18 39.28 -3.74 -16.99
C GLY D 18 39.81 -3.66 -15.57
N GLY D 19 40.94 -4.31 -15.32
CA GLY D 19 41.37 -4.58 -13.97
C GLY D 19 41.76 -3.32 -13.23
N SER D 20 40.99 -2.98 -12.19
CA SER D 20 41.22 -1.84 -11.30
C SER D 20 42.24 -2.15 -10.21
N GLY D 21 42.67 -3.40 -10.09
CA GLY D 21 43.59 -3.78 -9.03
C GLY D 21 42.86 -4.03 -7.73
N THR D 22 43.59 -3.88 -6.63
CA THR D 22 43.10 -4.23 -5.30
C THR D 22 42.90 -3.03 -4.40
N ARG D 23 43.01 -1.81 -4.95
CA ARG D 23 42.91 -0.60 -4.12
C ARG D 23 41.63 -0.58 -3.28
N LEU D 24 40.51 -1.03 -3.85
CA LEU D 24 39.22 -1.00 -3.17
C LEU D 24 38.88 -2.31 -2.45
N TYR D 25 39.84 -3.20 -2.31
CA TYR D 25 39.58 -4.48 -1.63
C TYR D 25 38.83 -4.21 -0.33
N PRO D 26 37.82 -5.04 0.03
CA PRO D 26 37.35 -6.23 -0.66
C PRO D 26 36.12 -6.02 -1.58
N ILE D 27 35.68 -4.79 -1.84
CA ILE D 27 34.44 -4.65 -2.61
C ILE D 27 34.62 -5.11 -4.05
N THR D 28 35.84 -5.09 -4.57
CA THR D 28 36.11 -5.50 -5.93
C THR D 28 36.74 -6.88 -6.02
N HIS D 29 36.69 -7.66 -4.94
CA HIS D 29 37.41 -8.91 -4.94
C HIS D 29 36.83 -9.89 -5.97
N VAL D 30 35.52 -9.93 -6.14
CA VAL D 30 34.89 -10.84 -7.10
C VAL D 30 33.94 -10.15 -8.07
N VAL D 31 33.78 -8.84 -7.99
CA VAL D 31 32.97 -8.06 -8.93
C VAL D 31 33.80 -6.88 -9.38
N SER D 32 33.87 -6.66 -10.69
CA SER D 32 34.62 -5.53 -11.20
C SER D 32 33.99 -4.22 -10.77
N LYS D 33 34.85 -3.22 -10.60
CA LYS D 33 34.43 -1.92 -10.08
C LYS D 33 33.30 -1.31 -10.91
N GLN D 34 33.41 -1.39 -12.23
CA GLN D 34 32.49 -0.73 -13.15
C GLN D 34 31.12 -1.38 -13.22
N LEU D 35 30.94 -2.53 -12.59
CA LEU D 35 29.61 -3.13 -12.45
C LEU D 35 28.92 -2.72 -11.17
N LEU D 36 29.62 -2.04 -10.27
CA LEU D 36 29.06 -1.70 -8.98
C LEU D 36 28.20 -0.44 -9.05
N PRO D 37 27.27 -0.27 -8.13
CA PRO D 37 26.30 0.80 -8.24
C PRO D 37 26.87 2.16 -7.90
N VAL D 38 26.45 3.14 -8.67
CA VAL D 38 26.54 4.55 -8.30
C VAL D 38 25.10 5.04 -8.17
N TYR D 39 24.57 5.01 -6.93
CA TYR D 39 23.19 5.31 -6.59
C TYR D 39 22.20 4.31 -7.19
N ASP D 40 21.69 4.56 -8.39
CA ASP D 40 20.53 3.82 -8.89
C ASP D 40 20.77 3.04 -10.17
N LYS D 41 22.01 2.93 -10.63
CA LYS D 41 22.34 2.24 -11.86
C LYS D 41 23.79 1.81 -11.79
N PRO D 42 24.20 0.81 -12.56
CA PRO D 42 25.60 0.38 -12.54
C PRO D 42 26.53 1.49 -13.01
N MET D 43 27.74 1.51 -12.43
CA MET D 43 28.69 2.59 -12.69
C MET D 43 28.89 2.84 -14.18
N ILE D 44 28.99 1.77 -14.97
CA ILE D 44 29.37 1.96 -16.37
C ILE D 44 28.25 2.62 -17.19
N TYR D 45 27.01 2.64 -16.71
CA TYR D 45 25.97 3.40 -17.42
C TYR D 45 26.38 4.86 -17.61
N TYR D 46 27.14 5.44 -16.65
CA TYR D 46 27.47 6.86 -16.75
C TYR D 46 28.44 7.13 -17.89
N PRO D 47 29.62 6.49 -17.96
CA PRO D 47 30.50 6.73 -19.13
C PRO D 47 29.88 6.27 -20.44
N LEU D 48 29.05 5.23 -20.42
CA LEU D 48 28.31 4.90 -21.62
C LEU D 48 27.42 6.05 -22.05
N SER D 49 26.72 6.66 -21.09
CA SER D 49 25.85 7.78 -21.42
C SER D 49 26.64 8.96 -21.97
N THR D 50 27.84 9.19 -21.42
CA THR D 50 28.67 10.27 -21.94
C THR D 50 29.01 10.04 -23.41
N LEU D 51 29.29 8.79 -23.79
CA LEU D 51 29.54 8.51 -25.20
C LEU D 51 28.31 8.74 -26.07
N MET D 52 27.13 8.32 -25.58
CA MET D 52 25.91 8.48 -26.36
C MET D 52 25.58 9.94 -26.56
N VAL D 53 25.83 10.77 -25.55
CA VAL D 53 25.62 12.21 -25.66
C VAL D 53 26.55 12.83 -26.70
N ALA D 54 27.75 12.27 -26.86
CA ALA D 54 28.65 12.75 -27.90
C ALA D 54 28.21 12.34 -29.30
N GLY D 55 27.22 11.47 -29.43
CA GLY D 55 26.77 10.97 -30.71
C GLY D 55 27.35 9.63 -31.11
N ILE D 56 28.18 9.03 -30.26
CA ILE D 56 28.85 7.79 -30.61
C ILE D 56 27.82 6.67 -30.50
N ARG D 57 27.62 5.92 -31.58
CA ARG D 57 26.59 4.89 -31.61
C ARG D 57 27.15 3.49 -31.74
N ASP D 58 28.47 3.36 -31.94
CA ASP D 58 29.15 2.07 -32.06
C ASP D 58 30.23 2.04 -30.99
N VAL D 59 30.09 1.15 -30.01
CA VAL D 59 30.91 1.18 -28.79
C VAL D 59 31.54 -0.19 -28.55
N LEU D 60 32.84 -0.19 -28.25
CA LEU D 60 33.56 -1.38 -27.80
C LEU D 60 33.83 -1.32 -26.31
N ILE D 61 33.42 -2.36 -25.59
CA ILE D 61 33.70 -2.50 -24.15
C ILE D 61 34.88 -3.44 -23.97
N ILE D 62 35.95 -2.95 -23.36
CA ILE D 62 37.09 -3.78 -22.99
C ILE D 62 37.03 -4.02 -21.49
N SER D 63 37.07 -5.29 -21.09
CA SER D 63 37.04 -5.62 -19.67
C SER D 63 38.04 -6.74 -19.39
N THR D 64 38.07 -7.17 -18.14
CA THR D 64 38.84 -8.35 -17.78
C THR D 64 38.19 -9.56 -18.42
N PRO D 65 38.96 -10.64 -18.63
CA PRO D 65 38.33 -11.87 -19.10
C PRO D 65 37.21 -12.37 -18.21
N GLN D 66 37.38 -12.25 -16.89
CA GLN D 66 36.40 -12.82 -15.96
C GLN D 66 35.04 -12.13 -16.04
N ASP D 67 35.01 -10.82 -16.29
CA ASP D 67 33.78 -10.05 -16.16
C ASP D 67 33.13 -9.66 -17.49
N THR D 68 33.76 -9.97 -18.62
CA THR D 68 33.14 -9.67 -19.92
C THR D 68 31.77 -10.33 -20.07
N PRO D 69 31.54 -11.57 -19.63
CA PRO D 69 30.15 -12.06 -19.64
C PRO D 69 29.21 -11.18 -18.84
N ARG D 70 29.64 -10.66 -17.69
CA ARG D 70 28.76 -9.80 -16.90
C ARG D 70 28.47 -8.49 -17.61
N PHE D 71 29.45 -7.92 -18.32
CA PHE D 71 29.16 -6.70 -19.09
C PHE D 71 28.26 -7.01 -20.27
N GLU D 72 28.49 -8.12 -20.96
CA GLU D 72 27.66 -8.47 -22.10
C GLU D 72 26.23 -8.78 -21.67
N ALA D 73 26.07 -9.44 -20.52
CA ALA D 73 24.72 -9.70 -20.01
C ALA D 73 23.98 -8.39 -19.74
N MET D 74 24.65 -7.43 -19.14
CA MET D 74 23.96 -6.23 -18.69
C MET D 74 23.59 -5.31 -19.84
N LEU D 75 24.43 -5.29 -20.89
CA LEU D 75 24.23 -4.37 -22.00
C LEU D 75 23.82 -5.04 -23.29
N GLY D 76 24.05 -6.34 -23.42
CA GLY D 76 23.69 -6.99 -24.68
C GLY D 76 24.53 -6.45 -25.82
N ASP D 77 23.97 -6.51 -27.02
CA ASP D 77 24.61 -6.00 -28.21
C ASP D 77 24.30 -4.54 -28.50
N GLY D 78 23.56 -3.88 -27.62
CA GLY D 78 23.26 -2.47 -27.80
C GLY D 78 22.12 -2.17 -28.74
N SER D 79 21.55 -3.19 -29.40
CA SER D 79 20.50 -2.96 -30.38
C SER D 79 19.22 -2.41 -29.74
N GLN D 80 19.02 -2.67 -28.46
CA GLN D 80 17.84 -2.15 -27.76
C GLN D 80 17.85 -0.62 -27.62
N TRP D 81 19.01 0.02 -27.75
CA TRP D 81 19.14 1.47 -27.69
C TRP D 81 19.56 2.08 -29.03
N GLY D 82 19.33 1.37 -30.14
CA GLY D 82 19.77 1.85 -31.44
C GLY D 82 21.28 1.97 -31.55
N MET D 83 22.02 1.12 -30.83
CA MET D 83 23.47 1.15 -30.81
C MET D 83 24.07 -0.17 -31.29
N ASN D 84 25.40 -0.16 -31.40
CA ASN D 84 26.22 -1.34 -31.70
C ASN D 84 27.26 -1.47 -30.60
N ILE D 85 27.15 -2.51 -29.78
CA ILE D 85 28.08 -2.74 -28.69
C ILE D 85 28.77 -4.08 -28.88
N GLN D 86 30.10 -4.06 -28.89
CA GLN D 86 30.92 -5.26 -28.96
C GLN D 86 31.78 -5.36 -27.71
N TYR D 87 32.47 -6.49 -27.58
CA TYR D 87 33.25 -6.78 -26.39
C TYR D 87 34.64 -7.27 -26.77
N ALA D 88 35.58 -6.97 -25.88
CA ALA D 88 36.97 -7.43 -26.00
C ALA D 88 37.54 -7.54 -24.60
N VAL D 89 38.57 -8.37 -24.46
CA VAL D 89 39.17 -8.64 -23.16
C VAL D 89 40.56 -8.05 -23.10
N GLN D 90 40.97 -7.65 -21.90
CA GLN D 90 42.35 -7.24 -21.61
C GLN D 90 42.98 -8.18 -20.60
N PRO D 91 43.99 -8.96 -21.00
CA PRO D 91 44.56 -9.94 -20.04
C PRO D 91 45.11 -9.30 -18.78
N SER D 92 45.91 -8.24 -18.92
CA SER D 92 46.56 -7.57 -17.81
C SER D 92 46.38 -6.07 -17.93
N PRO D 93 46.26 -5.36 -16.80
CA PRO D 93 46.06 -3.89 -16.88
C PRO D 93 47.36 -3.15 -17.22
N ASP D 94 47.69 -3.19 -18.51
CA ASP D 94 49.01 -2.77 -19.00
C ASP D 94 49.03 -1.37 -19.57
N GLY D 95 48.01 -0.56 -19.31
CA GLY D 95 48.04 0.84 -19.67
C GLY D 95 46.85 1.26 -20.50
N LEU D 96 46.37 2.48 -20.28
CA LEU D 96 45.23 2.98 -21.04
C LEU D 96 45.44 2.84 -22.54
N ALA D 97 46.67 3.08 -23.01
CA ALA D 97 46.95 3.08 -24.44
C ALA D 97 46.83 1.71 -25.06
N GLN D 98 46.91 0.62 -24.26
CA GLN D 98 46.75 -0.71 -24.81
C GLN D 98 45.39 -0.92 -25.45
N ALA D 99 44.41 -0.06 -25.11
CA ALA D 99 43.08 -0.15 -25.69
C ALA D 99 43.10 0.00 -27.20
N PHE D 100 44.01 0.81 -27.73
CA PHE D 100 44.04 1.04 -29.17
C PHE D 100 44.81 -0.04 -29.90
N ILE D 101 45.44 -0.95 -29.18
CA ILE D 101 45.94 -2.18 -29.77
C ILE D 101 44.87 -3.26 -29.74
N ILE D 102 44.26 -3.53 -28.59
CA ILE D 102 43.16 -4.49 -28.53
C ILE D 102 42.03 -4.07 -29.46
N GLY D 103 41.69 -2.79 -29.46
CA GLY D 103 40.58 -2.31 -30.27
C GLY D 103 40.96 -1.78 -31.64
N ARG D 104 42.14 -2.16 -32.12
CA ARG D 104 42.64 -1.63 -33.39
C ARG D 104 41.72 -2.04 -34.54
N GLU D 105 41.33 -3.32 -34.59
CA GLU D 105 40.41 -3.76 -35.64
C GLU D 105 39.07 -3.04 -35.55
N PHE D 106 38.54 -2.88 -34.33
CA PHE D 106 37.22 -2.28 -34.16
C PHE D 106 37.19 -0.85 -34.68
N VAL D 107 38.21 -0.06 -34.34
CA VAL D 107 38.25 1.33 -34.80
C VAL D 107 38.54 1.39 -36.29
N GLY D 108 39.45 0.56 -36.78
CA GLY D 108 39.81 0.60 -38.19
C GLY D 108 40.45 1.93 -38.56
N ASN D 109 39.97 2.51 -39.66
CA ASN D 109 40.50 3.79 -40.13
C ASN D 109 39.64 4.96 -39.69
N ASP D 110 38.63 4.72 -38.86
CA ASP D 110 37.73 5.77 -38.45
C ASP D 110 38.30 6.48 -37.23
N PRO D 111 37.83 7.67 -36.92
CA PRO D 111 38.19 8.32 -35.64
C PRO D 111 37.69 7.53 -34.44
N SER D 112 38.17 7.93 -33.26
CA SER D 112 37.87 7.15 -32.07
C SER D 112 37.74 8.05 -30.84
N ALA D 113 37.24 7.45 -29.77
CA ALA D 113 37.21 8.07 -28.46
C ALA D 113 37.42 6.99 -27.42
N LEU D 114 38.23 7.31 -26.42
CA LEU D 114 38.46 6.44 -25.27
C LEU D 114 37.91 7.12 -24.03
N ILE D 115 37.12 6.39 -23.25
CA ILE D 115 36.62 6.86 -21.97
C ILE D 115 36.81 5.74 -20.96
N LEU D 116 37.10 6.12 -19.71
CA LEU D 116 37.31 5.13 -18.66
C LEU D 116 35.98 4.66 -18.10
N GLY D 117 35.90 3.35 -17.84
CA GLY D 117 34.67 2.73 -17.34
C GLY D 117 34.25 3.19 -15.96
N ASP D 118 35.07 3.95 -15.26
CA ASP D 118 34.74 4.44 -13.93
C ASP D 118 34.73 5.96 -13.81
N ASN D 119 34.73 6.68 -14.94
CA ASN D 119 34.76 8.15 -14.94
C ASN D 119 33.37 8.71 -15.21
N ILE D 120 32.89 9.58 -14.31
CA ILE D 120 31.58 10.22 -14.43
C ILE D 120 31.78 11.68 -14.84
N PHE D 121 31.06 12.10 -15.89
CA PHE D 121 31.07 13.47 -16.39
C PHE D 121 29.67 14.07 -16.32
N TYR D 122 29.54 15.21 -15.65
CA TYR D 122 28.24 15.87 -15.56
C TYR D 122 28.43 17.38 -15.49
N GLY D 123 27.58 18.08 -16.23
CA GLY D 123 27.52 19.53 -16.18
C GLY D 123 26.81 20.08 -17.39
N HIS D 124 26.43 21.34 -17.29
CA HIS D 124 25.71 22.00 -18.35
C HIS D 124 26.61 22.22 -19.57
N ASP D 125 26.03 22.02 -20.75
CA ASP D 125 26.71 22.17 -22.04
C ASP D 125 27.81 21.15 -22.26
N LEU D 126 27.79 20.04 -21.50
CA LEU D 126 28.72 18.96 -21.79
C LEU D 126 28.52 18.42 -23.20
N ALA D 127 27.26 18.31 -23.64
CA ALA D 127 26.98 17.82 -24.98
C ALA D 127 27.63 18.69 -26.05
N LYS D 128 27.53 20.01 -25.89
CA LYS D 128 28.14 20.93 -26.85
C LYS D 128 29.64 20.74 -26.91
N GLN D 129 30.28 20.56 -25.75
CA GLN D 129 31.73 20.34 -25.75
C GLN D 129 32.06 19.01 -26.41
N LEU D 130 31.26 17.98 -26.12
CA LEU D 130 31.47 16.68 -26.76
C LEU D 130 31.11 16.73 -28.24
N GLU D 131 30.09 17.51 -28.61
CA GLU D 131 29.74 17.65 -30.02
C GLU D 131 30.85 18.36 -30.79
N ARG D 132 31.53 19.32 -30.17
CA ARG D 132 32.65 19.98 -30.83
C ARG D 132 33.83 19.03 -31.02
N ALA D 133 34.14 18.21 -30.01
CA ALA D 133 35.24 17.26 -30.16
C ALA D 133 34.93 16.23 -31.24
N ASN D 134 33.69 15.74 -31.26
CA ASN D 134 33.29 14.77 -32.28
C ASN D 134 33.39 15.36 -33.67
N ALA D 135 33.17 16.68 -33.80
CA ALA D 135 33.17 17.30 -35.12
C ALA D 135 34.58 17.49 -35.67
N ARG D 136 35.58 17.64 -34.80
CA ARG D 136 36.96 17.80 -35.26
C ARG D 136 37.44 16.52 -35.95
N THR D 137 38.00 16.67 -37.15
CA THR D 137 38.42 15.50 -37.94
C THR D 137 39.88 15.12 -37.76
N ASP D 138 40.71 16.00 -37.22
CA ASP D 138 42.14 15.76 -37.16
C ASP D 138 42.66 16.10 -35.78
N GLY D 139 43.82 15.54 -35.46
CA GLY D 139 44.41 15.81 -34.17
C GLY D 139 43.71 15.00 -33.08
N ALA D 140 43.78 15.52 -31.87
CA ALA D 140 43.19 14.89 -30.70
C ALA D 140 42.64 15.97 -29.80
N THR D 141 41.68 15.59 -28.96
CA THR D 141 41.10 16.51 -28.00
C THR D 141 41.06 15.84 -26.63
N VAL D 142 41.63 16.50 -25.63
CA VAL D 142 41.55 16.04 -24.24
C VAL D 142 40.97 17.16 -23.40
N PHE D 143 40.66 16.82 -22.15
CA PHE D 143 40.03 17.76 -21.22
C PHE D 143 40.81 17.81 -19.92
N ALA D 144 40.95 19.02 -19.37
CA ALA D 144 41.69 19.28 -18.14
C ALA D 144 40.75 19.79 -17.06
N TYR D 145 40.94 19.30 -15.82
CA TYR D 145 40.00 19.51 -14.73
C TYR D 145 40.79 19.72 -13.45
N HIS D 146 40.44 20.77 -12.69
CA HIS D 146 41.16 21.12 -11.47
C HIS D 146 40.77 20.19 -10.33
N VAL D 147 41.75 19.46 -9.79
CA VAL D 147 41.54 18.53 -8.68
C VAL D 147 42.51 18.89 -7.57
N HIS D 148 42.22 18.38 -6.37
CA HIS D 148 43.08 18.64 -5.23
C HIS D 148 44.32 17.75 -5.21
N ASP D 149 44.30 16.62 -5.92
CA ASP D 149 45.41 15.67 -5.93
C ASP D 149 45.92 15.46 -7.35
N PRO D 150 46.43 16.51 -8.00
CA PRO D 150 46.89 16.33 -9.38
C PRO D 150 47.98 15.27 -9.51
N GLU D 151 48.77 15.05 -8.46
CA GLU D 151 49.95 14.21 -8.58
C GLU D 151 49.64 12.75 -8.92
N ARG D 152 48.38 12.32 -8.87
CA ARG D 152 48.07 10.96 -9.29
C ARG D 152 47.60 10.89 -10.74
N TYR D 153 47.76 11.96 -11.52
CA TYR D 153 47.25 12.03 -12.87
C TYR D 153 48.32 12.54 -13.82
N GLY D 154 48.00 12.49 -15.11
CA GLY D 154 48.68 13.37 -16.05
C GLY D 154 48.29 14.81 -15.73
N VAL D 155 49.29 15.66 -15.58
CA VAL D 155 49.09 17.03 -15.12
C VAL D 155 49.47 17.97 -16.25
N VAL D 156 48.61 18.96 -16.52
CA VAL D 156 48.85 19.91 -17.60
C VAL D 156 49.62 21.09 -17.04
N GLU D 157 50.70 21.44 -17.71
CA GLU D 157 51.42 22.68 -17.44
C GLU D 157 50.82 23.73 -18.37
N PHE D 158 50.34 24.83 -17.81
CA PHE D 158 49.67 25.87 -18.59
C PHE D 158 50.53 27.14 -18.60
N ASP D 159 50.62 27.78 -19.78
CA ASP D 159 51.31 29.06 -19.91
C ASP D 159 50.40 30.21 -19.50
N LYS D 160 50.86 31.45 -19.73
CA LYS D 160 50.10 32.61 -19.26
C LYS D 160 48.71 32.67 -19.90
N ASP D 161 48.58 32.14 -21.13
CA ASP D 161 47.31 32.12 -21.85
C ASP D 161 46.62 30.75 -21.76
N PHE D 162 47.05 29.91 -20.81
CA PHE D 162 46.46 28.59 -20.59
C PHE D 162 46.53 27.71 -21.83
N ARG D 163 47.54 27.93 -22.65
CA ARG D 163 47.94 26.98 -23.68
C ARG D 163 48.83 25.93 -23.05
N ALA D 164 48.64 24.68 -23.47
CA ALA D 164 49.39 23.58 -22.88
C ALA D 164 50.86 23.66 -23.28
N LEU D 165 51.74 23.63 -22.29
CA LEU D 165 53.17 23.63 -22.54
C LEU D 165 53.76 22.23 -22.43
N SER D 166 53.14 21.37 -21.62
CA SER D 166 53.53 19.98 -21.41
C SER D 166 52.47 19.30 -20.57
N ILE D 167 52.43 17.97 -20.64
CA ILE D 167 51.61 17.15 -19.75
C ILE D 167 52.50 16.01 -19.24
N GLU D 168 52.64 15.91 -17.91
CA GLU D 168 53.51 14.92 -17.29
C GLU D 168 52.69 13.91 -16.50
N GLU D 169 52.99 12.63 -16.69
CA GLU D 169 52.24 11.58 -16.02
C GLU D 169 52.73 11.41 -14.59
N LYS D 170 51.85 11.70 -13.63
CA LYS D 170 52.14 11.58 -12.21
C LYS D 170 53.45 12.26 -11.82
N PRO D 171 53.56 13.57 -12.02
CA PRO D 171 54.81 14.26 -11.66
C PRO D 171 54.98 14.33 -10.15
N ALA D 172 56.23 14.31 -9.72
CA ALA D 172 56.53 14.53 -8.30
C ALA D 172 56.12 15.93 -7.88
N LYS D 173 56.44 16.94 -8.69
CA LYS D 173 56.02 18.31 -8.45
C LYS D 173 55.05 18.70 -9.55
N PRO D 174 53.75 18.59 -9.32
CA PRO D 174 52.78 18.90 -10.39
C PRO D 174 52.92 20.34 -10.83
N ARG D 175 52.99 20.55 -12.15
CA ARG D 175 53.18 21.89 -12.67
C ARG D 175 51.94 22.75 -12.45
N SER D 176 50.78 22.13 -12.26
CA SER D 176 49.54 22.83 -11.94
C SER D 176 48.64 21.84 -11.20
N ASN D 177 47.40 22.26 -10.94
CA ASN D 177 46.39 21.37 -10.36
C ASN D 177 45.49 20.73 -11.41
N TYR D 178 45.80 20.93 -12.70
CA TYR D 178 44.93 20.47 -13.78
C TYR D 178 45.30 19.05 -14.21
N ALA D 179 44.40 18.11 -13.97
CA ALA D 179 44.53 16.74 -14.43
C ALA D 179 43.82 16.55 -15.76
N VAL D 180 44.36 15.65 -16.58
CA VAL D 180 43.71 15.25 -17.82
C VAL D 180 42.58 14.29 -17.49
N THR D 181 41.36 14.65 -17.89
CA THR D 181 40.24 13.78 -17.55
C THR D 181 40.35 12.48 -18.33
N GLY D 182 39.57 11.48 -17.89
CA GLY D 182 39.62 10.17 -18.53
C GLY D 182 38.77 10.04 -19.78
N LEU D 183 38.82 11.02 -20.67
CA LEU D 183 38.07 10.99 -21.92
C LEU D 183 38.90 11.67 -23.00
N TYR D 184 39.11 10.97 -24.12
CA TYR D 184 40.04 11.37 -25.15
C TYR D 184 39.45 11.16 -26.54
N PHE D 185 39.53 12.18 -27.40
CA PHE D 185 39.15 12.08 -28.80
C PHE D 185 40.41 12.07 -29.65
N TYR D 186 40.47 11.16 -30.63
CA TYR D 186 41.66 11.01 -31.45
C TYR D 186 41.27 10.91 -32.91
N ASP D 187 42.22 11.27 -33.77
CA ASP D 187 42.07 11.04 -35.20
C ASP D 187 42.41 9.58 -35.50
N ASN D 188 42.61 9.27 -36.77
CA ASN D 188 42.91 7.92 -37.20
C ASN D 188 44.39 7.55 -37.01
N GLN D 189 45.16 8.39 -36.30
CA GLN D 189 46.55 8.05 -35.98
C GLN D 189 46.69 7.28 -34.68
N VAL D 190 45.70 7.32 -33.80
CA VAL D 190 45.91 6.92 -32.41
C VAL D 190 46.29 5.45 -32.34
N CYS D 191 45.66 4.63 -33.18
CA CYS D 191 45.99 3.20 -33.18
C CYS D 191 47.47 2.99 -33.49
N ASP D 192 47.98 3.72 -34.48
CA ASP D 192 49.39 3.60 -34.86
C ASP D 192 50.31 4.20 -33.81
N ILE D 193 49.96 5.37 -33.26
CA ILE D 193 50.79 6.01 -32.25
C ILE D 193 50.93 5.11 -31.03
N ALA D 194 49.82 4.52 -30.57
CA ALA D 194 49.89 3.63 -29.42
C ALA D 194 50.82 2.45 -29.68
N ALA D 195 50.81 1.93 -30.92
CA ALA D 195 51.63 0.77 -31.29
C ALA D 195 53.11 1.09 -31.40
N ASP D 196 53.48 2.37 -31.54
CA ASP D 196 54.88 2.75 -31.66
C ASP D 196 55.51 3.02 -30.31
N ILE D 197 54.70 3.31 -29.30
CA ILE D 197 55.19 3.66 -27.98
C ILE D 197 55.60 2.39 -27.24
N LYS D 198 56.47 2.57 -26.24
CA LYS D 198 57.07 1.55 -25.40
C LYS D 198 56.49 1.61 -23.99
N PRO D 199 56.46 0.48 -23.28
CA PRO D 199 56.00 0.52 -21.89
C PRO D 199 56.83 1.53 -21.09
N SER D 200 56.18 2.13 -20.10
CA SER D 200 56.86 3.11 -19.26
C SER D 200 57.65 2.42 -18.16
N ALA D 201 58.27 3.23 -17.30
CA ALA D 201 59.01 2.71 -16.17
C ALA D 201 58.15 1.81 -15.30
N ARG D 202 56.89 2.20 -15.08
CA ARG D 202 55.97 1.40 -14.29
C ARG D 202 55.35 0.24 -15.07
N GLY D 203 55.82 -0.02 -16.28
CA GLY D 203 55.36 -1.18 -17.04
C GLY D 203 54.07 -0.98 -17.80
N GLU D 204 53.73 0.26 -18.16
CA GLU D 204 52.48 0.54 -18.85
C GLU D 204 52.72 1.33 -20.13
N LEU D 205 51.84 1.08 -21.10
CA LEU D 205 51.74 1.89 -22.33
C LEU D 205 50.89 3.12 -22.03
N GLU D 206 51.51 4.30 -22.05
CA GLU D 206 50.94 5.47 -21.43
C GLU D 206 50.03 6.25 -22.37
N ILE D 207 48.79 6.48 -21.93
CA ILE D 207 47.90 7.38 -22.67
C ILE D 207 48.50 8.78 -22.72
N THR D 208 49.31 9.13 -21.73
CA THR D 208 49.99 10.43 -21.75
C THR D 208 50.96 10.53 -22.91
N ASP D 209 51.63 9.41 -23.26
CA ASP D 209 52.54 9.43 -24.41
C ASP D 209 51.80 9.64 -25.72
N VAL D 210 50.65 8.98 -25.88
CA VAL D 210 49.81 9.24 -27.05
C VAL D 210 49.48 10.73 -27.12
N ASN D 211 49.04 11.29 -26.00
CA ASN D 211 48.61 12.69 -25.99
C ASN D 211 49.79 13.64 -26.23
N SER D 212 50.97 13.33 -25.69
CA SER D 212 52.11 14.20 -25.93
C SER D 212 52.57 14.16 -27.37
N ARG D 213 52.37 13.04 -28.08
CA ARG D 213 52.73 12.98 -29.49
C ARG D 213 51.89 13.96 -30.31
N TYR D 214 50.57 13.96 -30.08
CA TYR D 214 49.70 14.95 -30.72
C TYR D 214 50.07 16.35 -30.25
N LEU D 215 50.49 16.48 -28.98
CA LEU D 215 50.93 17.77 -28.44
C LEU D 215 52.17 18.27 -29.16
N SER D 216 53.15 17.40 -29.37
CA SER D 216 54.36 17.82 -30.06
C SER D 216 54.07 18.15 -31.52
N GLN D 217 53.05 17.54 -32.10
CA GLN D 217 52.62 17.84 -33.46
C GLN D 217 51.74 19.07 -33.55
N LYS D 218 51.44 19.73 -32.43
CA LYS D 218 50.62 20.95 -32.43
C LYS D 218 49.20 20.69 -32.92
N THR D 219 48.71 19.45 -32.78
CA THR D 219 47.34 19.12 -33.14
C THR D 219 46.51 18.64 -31.96
N LEU D 220 47.04 18.72 -30.73
CA LEU D 220 46.30 18.37 -29.52
C LEU D 220 45.61 19.59 -28.94
N ASP D 221 44.29 19.52 -28.83
CA ASP D 221 43.49 20.54 -28.17
C ASP D 221 43.21 20.16 -26.72
N VAL D 222 43.61 21.02 -25.80
CA VAL D 222 43.34 20.84 -24.37
C VAL D 222 42.30 21.88 -23.96
N GLU D 223 41.07 21.43 -23.70
CA GLU D 223 39.99 22.31 -23.27
C GLU D 223 39.84 22.19 -21.76
N ILE D 224 39.73 23.34 -21.09
CA ILE D 224 39.48 23.34 -19.66
C ILE D 224 38.04 22.94 -19.40
N MET D 225 37.85 21.94 -18.54
CA MET D 225 36.55 21.61 -17.99
C MET D 225 36.43 22.31 -16.64
N GLY D 226 35.62 23.38 -16.62
CA GLY D 226 35.56 24.26 -15.47
C GLY D 226 34.95 23.62 -14.24
N ARG D 227 35.01 24.38 -13.14
CA ARG D 227 34.54 23.91 -11.85
C ARG D 227 33.03 23.75 -11.79
N GLY D 228 32.28 24.29 -12.75
CA GLY D 228 30.87 24.00 -12.78
C GLY D 228 30.55 22.57 -13.15
N TYR D 229 31.54 21.85 -13.66
CA TYR D 229 31.38 20.46 -14.03
C TYR D 229 31.79 19.56 -12.88
N ALA D 230 31.14 18.41 -12.81
CA ALA D 230 31.60 17.32 -11.97
C ALA D 230 32.29 16.31 -12.88
N TRP D 231 33.58 16.11 -12.67
CA TRP D 231 34.31 14.99 -13.22
C TRP D 231 34.73 14.16 -12.03
N LEU D 232 34.05 13.04 -11.84
CA LEU D 232 34.24 12.20 -10.68
C LEU D 232 34.74 10.85 -11.14
N ASP D 233 35.88 10.44 -10.62
CA ASP D 233 36.21 9.04 -10.60
C ASP D 233 35.97 8.60 -9.16
N THR D 234 36.29 7.36 -8.87
CA THR D 234 35.86 6.81 -7.64
C THR D 234 37.03 5.98 -7.11
N GLY D 235 38.10 6.69 -6.74
CA GLY D 235 39.29 5.97 -6.33
C GLY D 235 39.27 5.49 -4.91
N THR D 236 38.32 5.94 -4.12
CA THR D 236 38.24 5.51 -2.74
C THR D 236 36.82 5.06 -2.45
N HIS D 237 36.68 4.30 -1.38
CA HIS D 237 35.35 3.98 -0.87
C HIS D 237 34.56 5.26 -0.59
N ASP D 238 35.24 6.28 -0.07
CA ASP D 238 34.57 7.53 0.25
C ASP D 238 34.07 8.25 -1.01
N SER D 239 34.92 8.38 -2.03
CA SER D 239 34.47 9.12 -3.20
C SER D 239 33.42 8.33 -3.98
N LEU D 240 33.36 7.01 -3.81
CA LEU D 240 32.26 6.26 -4.39
C LEU D 240 30.92 6.67 -3.79
N ILE D 241 30.84 6.76 -2.46
CA ILE D 241 29.62 7.24 -1.80
C ILE D 241 29.32 8.67 -2.20
N GLU D 242 30.33 9.52 -2.23
CA GLU D 242 30.09 10.93 -2.55
C GLU D 242 29.53 11.09 -3.95
N ALA D 243 30.00 10.28 -4.89
CA ALA D 243 29.46 10.33 -6.24
C ALA D 243 28.00 9.90 -6.26
N ALA D 244 27.66 8.86 -5.51
CA ALA D 244 26.29 8.38 -5.47
C ALA D 244 25.36 9.42 -4.84
N THR D 245 25.75 10.05 -3.73
CA THR D 245 24.87 11.01 -3.10
C THR D 245 24.67 12.25 -3.98
N PHE D 246 25.71 12.61 -4.73
CA PHE D 246 25.66 13.73 -5.67
C PHE D 246 24.61 13.48 -6.74
N ILE D 247 24.67 12.31 -7.39
CA ILE D 247 23.63 11.93 -8.35
C ILE D 247 22.26 11.93 -7.69
N ALA D 248 22.16 11.37 -6.49
CA ALA D 248 20.87 11.29 -5.82
C ALA D 248 20.32 12.68 -5.54
N THR D 249 21.19 13.60 -5.12
CA THR D 249 20.73 14.97 -4.84
C THR D 249 20.12 15.59 -6.10
N LEU D 250 20.77 15.43 -7.24
CA LEU D 250 20.25 16.03 -8.47
C LEU D 250 18.97 15.36 -8.93
N GLN D 251 18.94 14.03 -8.97
CA GLN D 251 17.75 13.36 -9.49
C GLN D 251 16.53 13.57 -8.60
N LYS D 252 16.70 13.50 -7.27
CA LYS D 252 15.53 13.71 -6.42
C LYS D 252 14.97 15.11 -6.59
N ARG D 253 15.84 16.09 -6.79
CA ARG D 253 15.41 17.47 -6.97
C ARG D 253 14.66 17.68 -8.29
N GLN D 254 15.16 17.09 -9.39
CA GLN D 254 14.66 17.40 -10.72
C GLN D 254 13.49 16.55 -11.17
N GLY D 255 13.33 15.35 -10.61
CA GLY D 255 12.45 14.38 -11.23
C GLY D 255 12.99 13.80 -12.53
N LEU D 256 14.28 13.98 -12.80
CA LEU D 256 14.93 13.46 -13.99
C LEU D 256 16.06 12.55 -13.55
N VAL D 257 16.45 11.64 -14.43
CA VAL D 257 17.49 10.66 -14.13
C VAL D 257 18.71 10.98 -14.99
N VAL D 258 19.88 10.98 -14.35
CA VAL D 258 21.16 11.19 -15.03
C VAL D 258 21.65 9.87 -15.59
N ALA D 259 22.14 9.90 -16.83
CA ALA D 259 22.78 8.76 -17.46
C ALA D 259 21.80 7.60 -17.63
N CYS D 260 20.60 7.93 -18.16
CA CYS D 260 19.62 6.92 -18.54
C CYS D 260 19.73 6.67 -20.02
N PRO D 261 20.35 5.57 -20.46
CA PRO D 261 20.60 5.36 -21.89
C PRO D 261 19.33 5.29 -22.73
N GLU D 262 18.29 4.65 -22.21
CA GLU D 262 17.02 4.59 -22.92
C GLU D 262 16.50 5.99 -23.25
N GLU D 263 16.58 6.91 -22.27
CA GLU D 263 16.15 8.30 -22.49
C GLU D 263 17.01 8.97 -23.55
N ILE D 264 18.32 8.80 -23.46
CA ILE D 264 19.21 9.42 -24.43
C ILE D 264 18.93 8.88 -25.81
N ALA D 265 18.79 7.56 -25.92
CA ALA D 265 18.50 6.94 -27.20
C ALA D 265 17.18 7.43 -27.78
N TYR D 266 16.14 7.51 -26.95
CA TYR D 266 14.84 7.97 -27.40
C TYR D 266 14.87 9.44 -27.80
N ARG D 267 15.52 10.28 -26.98
CA ARG D 267 15.57 11.71 -27.30
C ARG D 267 16.38 11.97 -28.57
N ARG D 268 17.38 11.12 -28.85
CA ARG D 268 18.15 11.21 -30.09
C ARG D 268 17.49 10.52 -31.27
N LYS D 269 16.29 9.94 -31.08
CA LYS D 269 15.56 9.25 -32.14
C LYS D 269 16.31 8.04 -32.68
N TRP D 270 17.24 7.50 -31.91
CA TRP D 270 17.86 6.22 -32.25
C TRP D 270 16.92 5.07 -31.97
N ILE D 271 15.97 5.27 -31.07
CA ILE D 271 14.89 4.33 -30.83
C ILE D 271 13.61 5.16 -30.84
N ASN D 272 12.53 4.51 -31.22
CA ASN D 272 11.26 5.20 -31.33
C ASN D 272 10.43 4.99 -30.06
N ALA D 273 9.27 5.64 -30.04
CA ALA D 273 8.42 5.58 -28.85
C ALA D 273 7.90 4.17 -28.62
N GLU D 274 7.53 3.47 -29.69
CA GLU D 274 7.05 2.10 -29.55
C GLU D 274 8.15 1.20 -28.99
N GLN D 275 9.38 1.37 -29.46
CA GLN D 275 10.49 0.57 -28.94
C GLN D 275 10.80 0.92 -27.49
N LEU D 276 10.74 2.21 -27.15
CA LEU D 276 10.98 2.58 -25.75
C LEU D 276 9.88 2.04 -24.85
N LEU D 277 8.62 2.14 -25.27
CA LEU D 277 7.53 1.56 -24.50
C LEU D 277 7.74 0.06 -24.31
N ALA D 278 8.27 -0.61 -25.33
CA ALA D 278 8.55 -2.04 -25.24
C ALA D 278 9.57 -2.35 -24.16
N LEU D 279 10.61 -1.51 -24.02
CA LEU D 279 11.55 -1.72 -22.93
C LEU D 279 10.90 -1.53 -21.58
N ALA D 280 9.91 -0.64 -21.50
CA ALA D 280 9.30 -0.27 -20.22
C ALA D 280 8.36 -1.34 -19.71
N ARG D 281 7.65 -2.02 -20.62
CA ARG D 281 6.61 -2.97 -20.20
C ARG D 281 7.13 -4.04 -19.23
N PRO D 282 8.23 -4.76 -19.52
CA PRO D 282 8.71 -5.74 -18.54
C PRO D 282 9.28 -5.13 -17.26
N LEU D 283 9.55 -3.83 -17.24
CA LEU D 283 10.06 -3.14 -16.05
C LEU D 283 8.99 -2.33 -15.34
N SER D 284 7.71 -2.53 -15.69
CA SER D 284 6.67 -1.64 -15.17
C SER D 284 6.52 -1.72 -13.65
N LYS D 285 7.05 -2.78 -13.03
CA LYS D 285 6.88 -2.94 -11.59
C LYS D 285 7.94 -2.21 -10.76
N ASN D 286 8.96 -1.62 -11.40
CA ASN D 286 10.00 -0.91 -10.67
C ASN D 286 10.02 0.56 -11.07
N ALA D 287 10.81 1.33 -10.31
CA ALA D 287 10.85 2.78 -10.51
C ALA D 287 11.51 3.17 -11.83
N TYR D 288 12.50 2.40 -12.30
CA TYR D 288 13.23 2.75 -13.52
C TYR D 288 12.34 2.60 -14.76
N GLY D 289 11.60 1.50 -14.85
CA GLY D 289 10.71 1.30 -15.98
C GLY D 289 9.60 2.33 -16.06
N GLN D 290 9.22 2.91 -14.93
CA GLN D 290 8.13 3.89 -14.93
C GLN D 290 8.61 5.27 -15.36
N TYR D 291 9.88 5.61 -15.06
CA TYR D 291 10.47 6.82 -15.63
C TYR D 291 10.52 6.75 -17.15
N LEU D 292 10.86 5.57 -17.70
CA LEU D 292 10.85 5.40 -19.14
C LEU D 292 9.46 5.60 -19.72
N GLN D 293 8.45 4.99 -19.11
CA GLN D 293 7.08 5.20 -19.57
C GLN D 293 6.69 6.67 -19.43
N ASN D 294 7.13 7.32 -18.35
CA ASN D 294 6.81 8.72 -18.12
C ASN D 294 7.49 9.64 -19.12
N LEU D 295 8.49 9.14 -19.86
CA LEU D 295 9.12 9.95 -20.90
C LEU D 295 8.13 10.34 -21.98
N LEU D 296 7.08 9.53 -22.16
CA LEU D 296 6.09 9.75 -23.21
C LEU D 296 5.06 10.79 -22.82
N THR D 297 5.04 11.22 -21.56
CA THR D 297 4.09 12.21 -21.08
C THR D 297 4.80 13.46 -20.56
#